data_4WGG
#
_entry.id   4WGG
#
_cell.length_a   60.748
_cell.length_b   77.889
_cell.length_c   155.882
_cell.angle_alpha   90.000
_cell.angle_beta   90.000
_cell.angle_gamma   90.000
#
_symmetry.space_group_name_H-M   'P 21 21 21'
#
loop_
_entity.id
_entity.type
_entity.pdbx_description
1 polymer 'Double Bond Reductase'
2 non-polymer 'NADP NICOTINAMIDE-ADENINE-DINUCLEOTIDE PHOSPHATE'
3 non-polymer (2E)-3-(4-hydroxy-3-methoxyphenyl)prop-2-enal
4 water water
#
_entity_poly.entity_id   1
_entity_poly.type   'polypeptide(L)'
_entity_poly.pdbx_seq_one_letter_code
;VVVVNKQVLLKHFIPEGAPKETDMELVTTGTIRLRVPEGSNAVLLKNLYLSCDPYMRMRMTKHEEASYVDDFVPGAPITG
FGVGKVVDSSHPDFKTGDYVWGLIGWEEYSLITKPQGLFKIHHTEIPLSYYTGILGMVGLTAYVGFYDICSPKKGERVFV
SAAAGAVGQIVGQFAKQFGCYVVGSAGSDEKVNLLKTKFGFDEAFNYKKEPDLTKALKRYFPEGIDIYFENVGGPMLEAV
LHNMRIKGRIAACGMISQYNLEKPEGVHNLFLIVGKRIRLEGFLVFDHYGSYPEFEEKVVQLIKEEKIKYLEDIVEGLEN
APAALIGLFEGRNVGKQVVVVSREKGHHHHHH
;
_entity_poly.pdbx_strand_id   A,B
#
# COMPACT_ATOMS: atom_id res chain seq x y z
N VAL A 1 -23.66 -37.96 -33.06
CA VAL A 1 -24.05 -38.25 -31.64
C VAL A 1 -24.21 -36.96 -30.83
N VAL A 2 -25.44 -36.62 -30.48
CA VAL A 2 -25.75 -35.31 -29.91
C VAL A 2 -26.41 -35.48 -28.53
N VAL A 3 -26.03 -34.65 -27.54
CA VAL A 3 -26.62 -34.66 -26.18
C VAL A 3 -27.15 -33.33 -25.66
N VAL A 4 -27.99 -33.42 -24.63
CA VAL A 4 -28.55 -32.27 -23.95
C VAL A 4 -27.43 -31.52 -23.16
N ASN A 5 -27.47 -30.19 -23.22
CA ASN A 5 -26.44 -29.36 -22.63
C ASN A 5 -27.07 -28.16 -21.91
N LYS A 6 -27.45 -28.38 -20.66
CA LYS A 6 -27.98 -27.31 -19.82
C LYS A 6 -26.95 -26.20 -19.63
N GLN A 7 -27.44 -24.99 -19.50
CA GLN A 7 -26.58 -23.85 -19.34
C GLN A 7 -27.25 -22.83 -18.46
N VAL A 8 -26.43 -22.16 -17.63
CA VAL A 8 -26.82 -20.96 -16.91
C VAL A 8 -26.24 -19.78 -17.66
N LEU A 9 -27.12 -18.87 -18.07
CA LEU A 9 -26.73 -17.67 -18.82
C LEU A 9 -26.87 -16.40 -17.98
N LEU A 10 -26.14 -15.37 -18.37
CA LEU A 10 -26.35 -14.03 -17.81
C LEU A 10 -27.51 -13.45 -18.61
N LYS A 11 -28.57 -13.06 -17.91
CA LYS A 11 -29.76 -12.53 -18.58
C LYS A 11 -29.48 -11.10 -18.98
N HIS A 12 -29.04 -10.30 -18.01
CA HIS A 12 -28.76 -8.88 -18.21
C HIS A 12 -27.56 -8.39 -17.41
N PHE A 13 -26.84 -7.41 -17.95
CA PHE A 13 -25.91 -6.60 -17.14
C PHE A 13 -26.65 -6.07 -15.94
N ILE A 14 -25.98 -5.93 -14.81
CA ILE A 14 -26.63 -5.40 -13.61
C ILE A 14 -25.95 -4.09 -13.15
N PRO A 15 -26.67 -3.28 -12.34
CA PRO A 15 -26.11 -2.03 -11.87
C PRO A 15 -25.22 -2.32 -10.70
N GLU A 16 -24.42 -1.33 -10.28
CA GLU A 16 -23.86 -1.37 -8.95
C GLU A 16 -25.03 -1.83 -8.03
N GLY A 17 -24.73 -2.69 -7.06
CA GLY A 17 -25.77 -3.33 -6.26
C GLY A 17 -25.50 -4.80 -6.00
N ALA A 18 -26.41 -5.45 -5.25
CA ALA A 18 -26.35 -6.90 -4.98
C ALA A 18 -26.87 -7.71 -6.15
N PRO A 19 -26.24 -8.85 -6.43
CA PRO A 19 -26.81 -9.62 -7.53
C PRO A 19 -28.03 -10.45 -7.05
N LYS A 20 -28.84 -10.94 -7.98
CA LYS A 20 -29.93 -11.81 -7.58
C LYS A 20 -30.06 -12.99 -8.53
N GLU A 21 -30.60 -14.10 -8.03
CA GLU A 21 -30.83 -15.29 -8.85
C GLU A 21 -31.32 -14.92 -10.23
N THR A 22 -32.32 -14.04 -10.24
CA THR A 22 -33.03 -13.71 -11.46
C THR A 22 -32.21 -12.88 -12.43
N ASP A 23 -30.91 -12.68 -12.12
CA ASP A 23 -29.98 -12.10 -13.10
C ASP A 23 -29.42 -13.17 -14.06
N MET A 24 -29.53 -14.42 -13.65
CA MET A 24 -29.13 -15.56 -14.45
C MET A 24 -30.35 -16.43 -14.71
N GLU A 25 -30.36 -17.14 -15.84
CA GLU A 25 -31.45 -18.07 -16.21
C GLU A 25 -30.94 -19.42 -16.70
N LEU A 26 -31.60 -20.48 -16.23
CA LEU A 26 -31.35 -21.85 -16.65
C LEU A 26 -32.02 -22.16 -18.00
N VAL A 27 -31.27 -22.78 -18.89
CA VAL A 27 -31.74 -23.03 -20.24
C VAL A 27 -31.41 -24.49 -20.51
N THR A 28 -32.45 -25.27 -20.81
CA THR A 28 -32.31 -26.72 -20.82
C THR A 28 -32.58 -27.28 -22.20
N THR A 29 -32.86 -26.42 -23.18
CA THR A 29 -33.14 -26.94 -24.51
C THR A 29 -31.84 -27.24 -25.21
N GLY A 30 -30.79 -26.47 -24.91
CA GLY A 30 -29.55 -26.55 -25.68
C GLY A 30 -29.00 -27.95 -25.93
N THR A 31 -28.30 -28.10 -27.04
CA THR A 31 -27.60 -29.37 -27.35
C THR A 31 -26.16 -29.15 -27.82
N ILE A 32 -25.35 -30.19 -27.73
CA ILE A 32 -24.00 -30.06 -28.18
C ILE A 32 -23.54 -31.35 -28.87
N ARG A 33 -22.74 -31.20 -29.92
CA ARG A 33 -22.02 -32.36 -30.52
C ARG A 33 -20.84 -32.82 -29.61
N LEU A 34 -20.69 -34.13 -29.46
CA LEU A 34 -19.60 -34.67 -28.67
C LEU A 34 -18.26 -34.93 -29.41
N ARG A 35 -17.95 -34.17 -30.46
CA ARG A 35 -16.61 -34.22 -31.10
C ARG A 35 -16.27 -32.77 -31.37
N VAL A 36 -15.02 -32.39 -31.20
CA VAL A 36 -14.58 -31.02 -31.54
C VAL A 36 -14.77 -30.79 -33.06
N PRO A 37 -14.97 -29.52 -33.47
CA PRO A 37 -15.02 -29.25 -34.91
C PRO A 37 -13.81 -29.85 -35.69
N GLU A 38 -14.07 -30.34 -36.91
CA GLU A 38 -12.97 -30.73 -37.77
C GLU A 38 -12.12 -29.49 -38.00
N GLY A 39 -10.81 -29.68 -38.18
CA GLY A 39 -9.88 -28.59 -38.44
C GLY A 39 -9.71 -27.61 -37.30
N SER A 40 -10.18 -27.97 -36.11
CA SER A 40 -10.02 -27.11 -34.94
C SER A 40 -8.74 -27.44 -34.22
N ASN A 41 -8.41 -26.61 -33.25
CA ASN A 41 -7.36 -26.93 -32.31
C ASN A 41 -7.99 -26.68 -30.95
N ALA A 42 -8.69 -27.68 -30.44
CA ALA A 42 -9.67 -27.46 -29.35
C ALA A 42 -9.76 -28.64 -28.37
N VAL A 43 -10.47 -28.43 -27.28
CA VAL A 43 -10.75 -29.48 -26.31
C VAL A 43 -12.20 -29.26 -25.87
N LEU A 44 -13.03 -30.29 -26.09
CA LEU A 44 -14.37 -30.41 -25.47
C LEU A 44 -14.23 -31.09 -24.12
N LEU A 45 -14.82 -30.45 -23.11
CA LEU A 45 -14.84 -30.96 -21.75
C LEU A 45 -16.24 -31.38 -21.38
N LYS A 46 -16.36 -32.48 -20.65
CA LYS A 46 -17.53 -32.69 -19.83
C LYS A 46 -17.18 -32.08 -18.46
N ASN A 47 -18.02 -31.17 -18.01
CA ASN A 47 -17.75 -30.37 -16.82
C ASN A 47 -18.34 -31.07 -15.63
N LEU A 48 -17.53 -31.20 -14.58
CA LEU A 48 -17.83 -32.00 -13.40
C LEU A 48 -18.07 -31.14 -12.13
N TYR A 49 -17.27 -30.09 -11.99
CA TYR A 49 -17.34 -29.19 -10.81
C TYR A 49 -17.05 -27.76 -11.21
N LEU A 50 -17.73 -26.86 -10.53
CA LEU A 50 -17.59 -25.44 -10.76
C LEU A 50 -17.32 -24.78 -9.43
N SER A 51 -16.50 -23.74 -9.45
CA SER A 51 -16.22 -23.00 -8.23
C SER A 51 -17.15 -21.75 -8.23
N CYS A 52 -17.63 -21.37 -7.07
CA CYS A 52 -18.26 -20.07 -6.92
C CYS A 52 -17.23 -19.13 -6.31
N ASP A 53 -16.88 -18.08 -7.02
CA ASP A 53 -15.82 -17.20 -6.55
C ASP A 53 -16.36 -15.78 -6.55
N PRO A 54 -15.94 -15.00 -5.55
CA PRO A 54 -16.46 -13.62 -5.39
C PRO A 54 -16.19 -12.64 -6.52
N TYR A 55 -15.05 -12.76 -7.17
CA TYR A 55 -14.70 -11.84 -8.26
C TYR A 55 -15.68 -11.99 -9.43
N MET A 56 -16.45 -13.08 -9.41
CA MET A 56 -17.44 -13.31 -10.48
C MET A 56 -18.48 -12.18 -10.55
N ARG A 57 -18.81 -11.55 -9.42
CA ARG A 57 -19.90 -10.57 -9.40
C ARG A 57 -19.55 -9.36 -10.23
N MET A 58 -18.33 -8.86 -10.05
CA MET A 58 -17.82 -7.74 -10.81
CA MET A 58 -17.76 -7.74 -10.82
C MET A 58 -18.08 -7.90 -12.32
N ARG A 59 -17.92 -9.13 -12.82
CA ARG A 59 -18.11 -9.43 -14.24
C ARG A 59 -19.57 -9.29 -14.70
N MET A 60 -20.50 -9.23 -13.76
CA MET A 60 -21.90 -9.04 -14.16
C MET A 60 -22.23 -7.58 -14.47
N THR A 61 -21.25 -6.67 -14.36
CA THR A 61 -21.45 -5.23 -14.70
C THR A 61 -20.61 -4.70 -15.92
N LYS A 62 -21.25 -3.95 -16.82
CA LYS A 62 -20.55 -3.43 -17.99
C LYS A 62 -19.44 -2.50 -17.56
N HIS A 63 -18.30 -2.63 -18.20
CA HIS A 63 -17.15 -1.76 -17.96
C HIS A 63 -16.64 -1.23 -19.27
N GLU A 64 -16.57 0.10 -19.39
CA GLU A 64 -16.08 0.73 -20.63
C GLU A 64 -14.59 0.48 -20.86
N GLU A 65 -13.80 0.58 -19.79
CA GLU A 65 -12.35 0.38 -19.83
C GLU A 65 -11.96 -1.01 -19.29
N ALA A 66 -11.18 -1.77 -20.05
CA ALA A 66 -10.83 -3.14 -19.66
C ALA A 66 -10.26 -3.22 -18.24
N SER A 67 -10.69 -4.24 -17.51
CA SER A 67 -10.10 -4.62 -16.24
C SER A 67 -9.13 -5.79 -16.50
N TYR A 68 -8.72 -6.44 -15.42
CA TYR A 68 -7.99 -7.71 -15.47
C TYR A 68 -8.77 -8.82 -16.18
N VAL A 69 -10.09 -8.86 -15.97
CA VAL A 69 -10.95 -9.85 -16.64
C VAL A 69 -12.03 -9.16 -17.46
N ASP A 70 -12.54 -9.86 -18.48
CA ASP A 70 -13.60 -9.37 -19.38
C ASP A 70 -14.98 -9.59 -18.79
N ASP A 71 -15.91 -8.70 -19.09
CA ASP A 71 -17.28 -8.82 -18.58
C ASP A 71 -17.90 -10.09 -19.10
N PHE A 72 -18.93 -10.57 -18.40
CA PHE A 72 -19.83 -11.58 -18.99
C PHE A 72 -20.55 -10.97 -20.17
N VAL A 73 -21.14 -11.82 -20.98
CA VAL A 73 -21.94 -11.33 -22.09
C VAL A 73 -23.38 -11.72 -21.74
N PRO A 74 -24.33 -10.76 -21.81
CA PRO A 74 -25.72 -11.24 -21.60
C PRO A 74 -26.17 -12.23 -22.71
N GLY A 75 -26.88 -13.27 -22.29
CA GLY A 75 -27.31 -14.29 -23.24
C GLY A 75 -26.22 -15.30 -23.54
N ALA A 76 -25.02 -15.11 -22.99
CA ALA A 76 -23.96 -16.12 -23.08
C ALA A 76 -23.83 -16.80 -21.74
N PRO A 77 -23.44 -18.08 -21.75
CA PRO A 77 -23.30 -18.76 -20.46
C PRO A 77 -22.36 -18.00 -19.54
N ILE A 78 -22.64 -18.00 -18.23
CA ILE A 78 -21.67 -17.59 -17.22
C ILE A 78 -20.46 -18.51 -17.36
N THR A 79 -19.28 -18.00 -17.00
CA THR A 79 -18.06 -18.79 -16.92
C THR A 79 -17.36 -18.57 -15.59
N GLY A 80 -16.54 -19.53 -15.21
CA GLY A 80 -15.71 -19.43 -14.02
C GLY A 80 -14.74 -20.58 -14.05
N PHE A 81 -14.11 -20.77 -12.89
CA PHE A 81 -13.25 -21.87 -12.61
C PHE A 81 -14.02 -23.17 -12.40
N GLY A 82 -13.50 -24.24 -12.98
CA GLY A 82 -14.03 -25.57 -12.71
C GLY A 82 -13.09 -26.70 -13.07
N VAL A 83 -13.63 -27.93 -13.04
CA VAL A 83 -12.89 -29.14 -13.29
C VAL A 83 -13.67 -29.93 -14.28
N GLY A 84 -13.04 -30.30 -15.41
CA GLY A 84 -13.69 -31.11 -16.46
C GLY A 84 -12.87 -32.30 -16.96
N LYS A 85 -13.54 -33.23 -17.63
CA LYS A 85 -12.90 -34.41 -18.23
C LYS A 85 -12.87 -34.18 -19.74
N VAL A 86 -11.74 -34.49 -20.37
CA VAL A 86 -11.64 -34.36 -21.81
C VAL A 86 -12.44 -35.50 -22.47
N VAL A 87 -13.49 -35.14 -23.18
CA VAL A 87 -14.37 -35.99 -23.96
C VAL A 87 -13.84 -36.17 -25.38
N ASP A 88 -13.21 -35.12 -25.92
CA ASP A 88 -12.61 -35.14 -27.25
C ASP A 88 -11.57 -34.00 -27.39
N SER A 89 -10.58 -34.18 -28.27
CA SER A 89 -9.48 -33.24 -28.37
C SER A 89 -8.79 -33.27 -29.72
N SER A 90 -8.56 -32.09 -30.32
CA SER A 90 -7.73 -31.90 -31.51
C SER A 90 -6.45 -31.14 -31.15
N HIS A 91 -6.13 -31.11 -29.84
CA HIS A 91 -4.94 -30.48 -29.32
C HIS A 91 -4.08 -31.57 -28.71
N PRO A 92 -2.81 -31.68 -29.16
CA PRO A 92 -1.84 -32.68 -28.71
C PRO A 92 -1.62 -32.86 -27.20
N ASP A 93 -1.48 -31.80 -26.39
CA ASP A 93 -1.18 -31.98 -24.96
C ASP A 93 -2.40 -32.50 -24.18
N PHE A 94 -3.57 -32.65 -24.82
CA PHE A 94 -4.80 -33.09 -24.15
C PHE A 94 -5.41 -34.30 -24.85
N LYS A 95 -5.75 -35.34 -24.07
CA LYS A 95 -6.35 -36.56 -24.60
C LYS A 95 -7.62 -36.85 -23.90
N THR A 96 -8.40 -37.69 -24.53
CA THR A 96 -9.61 -38.27 -23.95
C THR A 96 -9.34 -38.93 -22.61
N GLY A 97 -10.11 -38.57 -21.60
CA GLY A 97 -9.94 -39.19 -20.30
C GLY A 97 -9.13 -38.32 -19.37
N ASP A 98 -8.42 -37.33 -19.91
CA ASP A 98 -7.71 -36.35 -19.10
C ASP A 98 -8.68 -35.48 -18.33
N TYR A 99 -8.32 -35.21 -17.07
CA TYR A 99 -9.02 -34.27 -16.22
C TYR A 99 -8.20 -32.99 -16.12
N VAL A 100 -8.91 -31.88 -16.20
CA VAL A 100 -8.33 -30.58 -16.28
C VAL A 100 -9.08 -29.58 -15.40
N TRP A 101 -8.46 -28.44 -15.21
CA TRP A 101 -9.04 -27.36 -14.45
C TRP A 101 -8.55 -26.11 -15.06
N GLY A 102 -9.41 -25.11 -14.98
CA GLY A 102 -9.29 -23.90 -15.76
C GLY A 102 -10.62 -23.16 -15.80
N LEU A 103 -10.67 -22.19 -16.68
CA LEU A 103 -11.85 -21.39 -16.88
C LEU A 103 -12.80 -22.14 -17.82
N ILE A 104 -13.99 -22.50 -17.35
CA ILE A 104 -15.00 -23.20 -18.16
C ILE A 104 -16.42 -22.56 -18.09
N GLY A 105 -17.34 -23.03 -18.92
CA GLY A 105 -18.70 -22.55 -18.88
C GLY A 105 -19.48 -23.15 -17.72
N TRP A 106 -20.49 -22.40 -17.28
CA TRP A 106 -21.49 -22.90 -16.35
C TRP A 106 -22.47 -23.70 -17.16
N GLU A 107 -22.07 -24.92 -17.54
CA GLU A 107 -22.83 -25.75 -18.47
C GLU A 107 -22.37 -27.18 -18.28
N GLU A 108 -22.96 -28.12 -19.04
CA GLU A 108 -22.64 -29.53 -18.90
C GLU A 108 -21.39 -29.92 -19.70
N TYR A 109 -21.17 -29.21 -20.79
CA TYR A 109 -20.07 -29.45 -21.73
C TYR A 109 -19.58 -28.13 -22.31
N SER A 110 -18.25 -27.96 -22.37
CA SER A 110 -17.65 -26.74 -22.89
C SER A 110 -16.63 -27.02 -24.01
N LEU A 111 -16.79 -26.31 -25.11
CA LEU A 111 -15.81 -26.36 -26.18
C LEU A 111 -14.79 -25.24 -26.03
N ILE A 112 -13.65 -25.60 -25.43
CA ILE A 112 -12.56 -24.69 -25.14
C ILE A 112 -11.62 -24.49 -26.35
N THR A 113 -11.75 -23.36 -27.02
CA THR A 113 -10.88 -23.03 -28.17
C THR A 113 -9.51 -22.43 -27.80
N LYS A 114 -9.29 -22.12 -26.52
CA LYS A 114 -7.96 -21.65 -26.02
C LYS A 114 -7.45 -22.61 -24.92
N PRO A 115 -7.10 -23.86 -25.31
CA PRO A 115 -6.82 -25.02 -24.42
C PRO A 115 -5.55 -24.79 -23.66
N GLN A 116 -4.83 -23.77 -24.12
CA GLN A 116 -3.57 -23.37 -23.54
C GLN A 116 -3.72 -22.95 -22.05
N GLY A 117 -4.87 -22.38 -21.69
CA GLY A 117 -5.13 -21.92 -20.32
C GLY A 117 -5.88 -22.94 -19.48
N LEU A 118 -5.63 -24.23 -19.80
CA LEU A 118 -6.07 -25.37 -19.00
C LEU A 118 -4.88 -25.98 -18.28
N PHE A 119 -5.13 -26.51 -17.08
CA PHE A 119 -4.14 -27.25 -16.33
C PHE A 119 -4.58 -28.70 -16.31
N LYS A 120 -3.72 -29.59 -16.78
CA LYS A 120 -3.99 -31.02 -16.63
C LYS A 120 -3.75 -31.42 -15.16
N ILE A 121 -4.63 -32.26 -14.63
CA ILE A 121 -4.51 -32.71 -13.27
C ILE A 121 -3.74 -34.00 -13.28
N HIS A 122 -2.65 -33.99 -12.52
CA HIS A 122 -1.68 -35.09 -12.51
C HIS A 122 -1.92 -36.01 -11.36
N HIS A 123 -2.64 -35.54 -10.35
CA HIS A 123 -2.96 -36.30 -9.14
C HIS A 123 -4.45 -36.56 -9.09
N THR A 124 -4.87 -37.62 -9.77
CA THR A 124 -6.28 -38.02 -9.80
C THR A 124 -6.74 -38.76 -8.53
N GLU A 125 -5.78 -39.19 -7.71
CA GLU A 125 -6.08 -39.85 -6.41
C GLU A 125 -6.85 -38.96 -5.41
N ILE A 126 -6.47 -37.68 -5.31
CA ILE A 126 -7.18 -36.66 -4.49
C ILE A 126 -8.55 -36.34 -5.12
N PRO A 127 -9.58 -36.09 -4.28
CA PRO A 127 -10.86 -35.68 -4.83
C PRO A 127 -10.63 -34.56 -5.83
N LEU A 128 -11.09 -34.82 -7.05
CA LEU A 128 -11.16 -33.84 -8.11
C LEU A 128 -11.73 -32.45 -7.76
N SER A 129 -12.75 -32.40 -6.89
CA SER A 129 -13.35 -31.12 -6.49
C SER A 129 -12.36 -30.12 -5.90
N TYR A 130 -11.25 -30.59 -5.32
CA TYR A 130 -10.22 -29.76 -4.73
C TYR A 130 -9.55 -28.82 -5.74
N TYR A 131 -9.53 -29.27 -6.99
CA TYR A 131 -8.94 -28.48 -8.04
C TYR A 131 -9.80 -27.29 -8.40
N THR A 132 -11.01 -27.20 -7.81
CA THR A 132 -11.77 -25.92 -7.86
C THR A 132 -11.31 -24.95 -6.77
N GLY A 133 -10.89 -25.43 -5.61
CA GLY A 133 -10.39 -24.53 -4.59
C GLY A 133 -8.95 -24.72 -4.17
N ILE A 134 -8.73 -25.69 -3.30
CA ILE A 134 -7.45 -25.79 -2.60
C ILE A 134 -6.26 -26.05 -3.55
N LEU A 135 -6.50 -26.82 -4.59
CA LEU A 135 -5.42 -27.13 -5.53
C LEU A 135 -5.61 -26.38 -6.85
N GLY A 136 -6.61 -25.49 -6.87
CA GLY A 136 -6.82 -24.59 -8.00
C GLY A 136 -6.36 -23.15 -7.72
N MET A 137 -7.00 -22.21 -8.41
CA MET A 137 -6.80 -20.77 -8.30
C MET A 137 -6.79 -20.28 -6.82
N VAL A 138 -7.74 -20.74 -6.03
CA VAL A 138 -7.90 -20.28 -4.67
C VAL A 138 -6.70 -20.66 -3.78
N GLY A 139 -6.24 -21.89 -3.90
CA GLY A 139 -5.13 -22.35 -3.08
C GLY A 139 -3.86 -21.59 -3.38
N LEU A 140 -3.67 -21.30 -4.66
CA LEU A 140 -2.48 -20.59 -5.13
C LEU A 140 -2.46 -19.14 -4.59
N THR A 141 -3.63 -18.48 -4.62
CA THR A 141 -3.84 -17.16 -4.00
C THR A 141 -3.34 -17.14 -2.54
N ALA A 142 -3.80 -18.05 -1.72
CA ALA A 142 -3.32 -18.13 -0.33
C ALA A 142 -1.81 -18.23 -0.27
N TYR A 143 -1.27 -19.02 -1.19
CA TYR A 143 0.12 -19.38 -1.14
C TYR A 143 0.97 -18.15 -1.46
N VAL A 144 0.62 -17.49 -2.57
CA VAL A 144 1.33 -16.28 -3.03
C VAL A 144 1.17 -15.11 -2.06
N GLY A 145 -0.05 -14.88 -1.60
CA GLY A 145 -0.28 -13.73 -0.72
C GLY A 145 0.41 -13.91 0.60
N PHE A 146 0.35 -15.11 1.15
CA PHE A 146 0.99 -15.34 2.42
C PHE A 146 2.49 -15.46 2.26
N TYR A 147 2.96 -16.47 1.51
CA TYR A 147 4.43 -16.71 1.43
C TYR A 147 5.23 -15.61 0.76
N ASP A 148 4.59 -14.91 -0.18
CA ASP A 148 5.33 -13.90 -0.93
C ASP A 148 4.94 -12.48 -0.54
N ILE A 149 3.67 -12.12 -0.56
CA ILE A 149 3.26 -10.73 -0.31
C ILE A 149 3.45 -10.28 1.14
N CYS A 150 3.00 -11.11 2.08
CA CYS A 150 3.16 -10.87 3.51
C CYS A 150 4.59 -10.84 4.09
N SER A 151 5.61 -11.31 3.38
CA SER A 151 6.96 -11.43 4.01
C SER A 151 6.97 -11.83 5.53
N PRO A 152 6.33 -12.96 5.87
CA PRO A 152 6.21 -13.34 7.27
C PRO A 152 7.52 -13.85 7.88
N LYS A 153 7.59 -13.77 9.20
CA LYS A 153 8.76 -14.20 9.95
C LYS A 153 8.21 -14.93 11.15
N LYS A 154 8.95 -15.92 11.67
CA LYS A 154 8.46 -16.74 12.80
C LYS A 154 8.07 -15.80 13.91
N GLY A 155 6.98 -16.12 14.60
CA GLY A 155 6.54 -15.29 15.73
C GLY A 155 5.64 -14.12 15.40
N GLU A 156 5.53 -13.76 14.14
CA GLU A 156 4.73 -12.59 13.82
C GLU A 156 3.22 -12.81 14.08
N ARG A 157 2.51 -11.70 14.26
CA ARG A 157 1.11 -11.73 14.67
C ARG A 157 0.26 -11.44 13.46
N VAL A 158 -0.60 -12.39 13.10
CA VAL A 158 -1.22 -12.36 11.79
C VAL A 158 -2.70 -12.26 11.91
N PHE A 159 -3.32 -11.31 11.25
CA PHE A 159 -4.76 -11.26 11.29
C PHE A 159 -5.33 -11.62 9.91
N VAL A 160 -6.31 -12.52 9.83
CA VAL A 160 -6.90 -12.90 8.51
C VAL A 160 -8.40 -12.62 8.53
N SER A 161 -8.95 -11.85 7.60
CA SER A 161 -10.42 -11.67 7.58
C SER A 161 -11.10 -12.60 6.55
N ALA A 162 -12.40 -12.83 6.68
CA ALA A 162 -13.09 -13.95 6.01
C ALA A 162 -12.27 -15.23 6.27
N ALA A 163 -11.80 -15.38 7.49
CA ALA A 163 -10.87 -16.42 7.83
C ALA A 163 -11.49 -17.81 7.62
N ALA A 164 -12.81 -17.95 7.63
CA ALA A 164 -13.32 -19.33 7.43
C ALA A 164 -13.63 -19.64 5.94
N GLY A 165 -13.32 -18.69 5.05
CA GLY A 165 -13.50 -18.88 3.63
C GLY A 165 -12.40 -19.67 2.95
N ALA A 166 -12.51 -19.72 1.63
CA ALA A 166 -11.73 -20.63 0.84
C ALA A 166 -10.28 -20.21 0.99
N VAL A 167 -10.01 -18.92 0.76
CA VAL A 167 -8.67 -18.36 0.91
C VAL A 167 -8.17 -18.28 2.36
N GLY A 168 -8.94 -17.65 3.25
CA GLY A 168 -8.54 -17.46 4.64
C GLY A 168 -8.23 -18.71 5.47
N GLN A 169 -8.99 -19.79 5.25
CA GLN A 169 -8.82 -21.00 6.06
C GLN A 169 -7.45 -21.62 5.70
N ILE A 170 -7.05 -21.49 4.44
CA ILE A 170 -5.73 -21.91 3.97
C ILE A 170 -4.61 -21.00 4.47
N VAL A 171 -4.71 -19.71 4.21
CA VAL A 171 -3.74 -18.75 4.77
C VAL A 171 -3.49 -19.01 6.26
N GLY A 172 -4.56 -19.15 7.04
CA GLY A 172 -4.35 -19.35 8.49
C GLY A 172 -3.47 -20.55 8.84
N GLN A 173 -3.69 -21.63 8.13
CA GLN A 173 -2.89 -22.86 8.39
C GLN A 173 -1.46 -22.71 7.94
N PHE A 174 -1.26 -22.02 6.80
CA PHE A 174 0.10 -21.72 6.35
C PHE A 174 0.78 -20.96 7.49
N ALA A 175 0.07 -19.94 7.99
CA ALA A 175 0.59 -19.01 9.00
C ALA A 175 0.85 -19.72 10.33
N LYS A 176 -0.12 -20.51 10.76
CA LYS A 176 0.09 -21.29 11.97
C LYS A 176 1.36 -22.15 11.84
N GLN A 177 1.49 -22.86 10.73
CA GLN A 177 2.56 -23.84 10.60
C GLN A 177 3.89 -23.13 10.35
N PHE A 178 3.84 -21.90 9.85
CA PHE A 178 5.05 -21.09 9.71
C PHE A 178 5.61 -20.62 11.05
N GLY A 179 4.84 -20.80 12.12
CA GLY A 179 5.30 -20.37 13.44
C GLY A 179 4.79 -19.00 13.83
N CYS A 180 3.66 -18.60 13.24
CA CYS A 180 3.04 -17.31 13.53
C CYS A 180 1.87 -17.45 14.51
N TYR A 181 1.54 -16.33 15.15
CA TYR A 181 0.35 -16.22 15.96
C TYR A 181 -0.74 -15.80 15.00
N VAL A 182 -1.86 -16.51 15.03
CA VAL A 182 -2.89 -16.31 14.01
C VAL A 182 -4.28 -16.14 14.59
N VAL A 183 -4.91 -15.06 14.22
CA VAL A 183 -6.30 -14.77 14.61
C VAL A 183 -7.17 -14.53 13.38
N GLY A 184 -8.41 -15.00 13.42
CA GLY A 184 -9.33 -14.75 12.30
C GLY A 184 -10.66 -14.16 12.68
N SER A 185 -11.30 -13.50 11.72
CA SER A 185 -12.69 -13.17 11.89
C SER A 185 -13.54 -13.81 10.81
N ALA A 186 -14.72 -14.22 11.25
CA ALA A 186 -15.74 -14.78 10.40
C ALA A 186 -17.14 -14.27 10.82
N GLY A 187 -18.17 -14.60 10.04
CA GLY A 187 -19.47 -13.97 10.14
C GLY A 187 -20.51 -14.73 10.93
N SER A 188 -20.03 -15.66 11.77
CA SER A 188 -20.89 -16.55 12.56
C SER A 188 -20.14 -17.36 13.64
N ASP A 189 -20.91 -17.86 14.61
CA ASP A 189 -20.34 -18.67 15.68
C ASP A 189 -19.90 -20.06 15.15
N GLU A 190 -20.63 -20.59 14.18
CA GLU A 190 -20.27 -21.87 13.56
C GLU A 190 -18.82 -21.77 13.03
N LYS A 191 -18.65 -20.88 12.06
CA LYS A 191 -17.34 -20.47 11.54
C LYS A 191 -16.30 -20.24 12.64
N VAL A 192 -16.62 -19.47 13.68
CA VAL A 192 -15.62 -19.16 14.71
C VAL A 192 -15.14 -20.46 15.30
N ASN A 193 -16.07 -21.33 15.66
CA ASN A 193 -15.67 -22.56 16.30
C ASN A 193 -14.86 -23.48 15.36
N LEU A 194 -15.24 -23.54 14.09
CA LEU A 194 -14.41 -24.19 13.05
C LEU A 194 -12.96 -23.68 13.04
N LEU A 195 -12.81 -22.34 13.00
CA LEU A 195 -11.50 -21.66 13.02
C LEU A 195 -10.61 -22.14 14.17
N LYS A 196 -11.20 -22.24 15.36
CA LYS A 196 -10.48 -22.62 16.58
C LYS A 196 -10.21 -24.10 16.68
N THR A 197 -11.14 -24.91 16.23
CA THR A 197 -11.03 -26.35 16.43
C THR A 197 -10.41 -27.04 15.21
N LYS A 198 -11.10 -27.00 14.09
CA LYS A 198 -10.68 -27.69 12.87
C LYS A 198 -9.41 -27.09 12.20
N PHE A 199 -9.31 -25.76 12.24
CA PHE A 199 -8.29 -25.05 11.47
C PHE A 199 -7.10 -24.58 12.32
N GLY A 200 -7.18 -24.75 13.64
CA GLY A 200 -6.05 -24.47 14.52
C GLY A 200 -5.65 -23.01 14.67
N PHE A 201 -6.58 -22.09 14.42
CA PHE A 201 -6.30 -20.65 14.60
C PHE A 201 -6.18 -20.42 16.08
N ASP A 202 -5.35 -19.46 16.50
CA ASP A 202 -5.10 -19.28 17.94
C ASP A 202 -6.30 -18.66 18.62
N GLU A 203 -6.97 -17.74 17.91
CA GLU A 203 -8.16 -17.03 18.40
C GLU A 203 -9.01 -16.74 17.19
N ALA A 204 -10.31 -16.64 17.37
CA ALA A 204 -11.20 -16.12 16.32
C ALA A 204 -12.35 -15.30 16.95
N PHE A 205 -13.00 -14.43 16.17
CA PHE A 205 -14.12 -13.65 16.71
C PHE A 205 -15.20 -13.38 15.68
N ASN A 206 -16.42 -13.37 16.17
CA ASN A 206 -17.57 -13.14 15.31
C ASN A 206 -17.68 -11.65 15.16
N TYR A 207 -17.34 -11.19 13.96
CA TYR A 207 -17.28 -9.77 13.74
C TYR A 207 -18.66 -9.13 13.74
N LYS A 208 -19.70 -9.85 13.29
CA LYS A 208 -21.07 -9.29 13.34
C LYS A 208 -21.48 -8.99 14.79
N LYS A 209 -20.77 -9.56 15.76
CA LYS A 209 -21.12 -9.46 17.16
C LYS A 209 -20.21 -8.50 17.94
N GLU A 210 -19.49 -7.66 17.23
CA GLU A 210 -18.61 -6.70 17.88
C GLU A 210 -19.10 -5.30 17.57
N PRO A 211 -19.38 -4.53 18.62
CA PRO A 211 -19.80 -3.16 18.40
C PRO A 211 -18.59 -2.28 18.01
N ASP A 212 -17.37 -2.72 18.36
CA ASP A 212 -16.14 -1.97 18.10
C ASP A 212 -14.99 -2.85 17.52
N LEU A 213 -14.74 -2.76 16.21
CA LEU A 213 -13.78 -3.67 15.58
C LEU A 213 -12.38 -3.33 16.05
N THR A 214 -12.11 -2.03 16.12
CA THR A 214 -10.86 -1.56 16.65
C THR A 214 -10.56 -2.13 18.03
N LYS A 215 -11.56 -2.11 18.90
CA LYS A 215 -11.29 -2.62 20.26
C LYS A 215 -11.20 -4.15 20.23
N ALA A 216 -12.00 -4.79 19.36
CA ALA A 216 -11.94 -6.24 19.17
C ALA A 216 -10.53 -6.68 18.79
N LEU A 217 -9.89 -5.98 17.88
CA LEU A 217 -8.54 -6.37 17.47
C LEU A 217 -7.56 -6.11 18.59
N LYS A 218 -7.78 -5.01 19.29
CA LYS A 218 -6.97 -4.68 20.43
C LYS A 218 -7.00 -5.79 21.48
N ARG A 219 -8.16 -6.45 21.66
CA ARG A 219 -8.23 -7.56 22.63
C ARG A 219 -7.26 -8.64 22.17
N TYR A 220 -7.39 -9.05 20.91
CA TYR A 220 -6.60 -10.21 20.46
C TYR A 220 -5.14 -9.85 20.16
N PHE A 221 -4.86 -8.57 19.91
CA PHE A 221 -3.50 -8.16 19.59
C PHE A 221 -3.00 -7.08 20.53
N PRO A 222 -2.72 -7.43 21.79
CA PRO A 222 -2.29 -6.44 22.79
C PRO A 222 -0.95 -5.80 22.44
N GLU A 223 -0.12 -6.49 21.65
CA GLU A 223 1.11 -5.89 21.12
C GLU A 223 0.95 -5.37 19.69
N GLY A 224 -0.26 -5.49 19.12
CA GLY A 224 -0.54 -5.04 17.75
C GLY A 224 -0.41 -6.16 16.69
N ILE A 225 -0.70 -5.85 15.42
CA ILE A 225 -0.70 -6.76 14.27
C ILE A 225 0.50 -6.57 13.32
N ASP A 226 1.20 -7.66 13.02
CA ASP A 226 2.33 -7.57 12.11
C ASP A 226 1.82 -7.66 10.69
N ILE A 227 0.90 -8.58 10.47
CA ILE A 227 0.53 -8.92 9.09
C ILE A 227 -0.96 -9.05 9.05
N TYR A 228 -1.59 -8.48 8.02
CA TYR A 228 -3.02 -8.60 7.87
C TYR A 228 -3.33 -9.11 6.50
N PHE A 229 -4.01 -10.25 6.42
CA PHE A 229 -4.40 -10.77 5.12
C PHE A 229 -5.82 -10.30 4.78
N GLU A 230 -5.87 -9.31 3.90
CA GLU A 230 -7.03 -8.51 3.63
C GLU A 230 -7.98 -9.18 2.62
N ASN A 231 -9.07 -9.73 3.09
CA ASN A 231 -10.04 -10.30 2.18
C ASN A 231 -11.28 -9.44 2.09
N VAL A 232 -11.39 -8.46 3.00
CA VAL A 232 -12.67 -7.86 3.30
C VAL A 232 -12.86 -6.41 2.94
N GLY A 233 -11.87 -5.56 3.19
CA GLY A 233 -12.03 -4.14 2.97
C GLY A 233 -12.83 -3.45 4.07
N GLY A 234 -13.14 -2.18 3.84
CA GLY A 234 -14.08 -1.46 4.69
C GLY A 234 -13.55 -1.17 6.09
N PRO A 235 -14.46 -0.99 7.03
CA PRO A 235 -14.09 -0.59 8.40
C PRO A 235 -13.16 -1.58 9.14
N MET A 236 -13.19 -2.87 8.78
CA MET A 236 -12.20 -3.83 9.30
C MET A 236 -10.78 -3.34 8.99
N LEU A 237 -10.61 -2.81 7.78
CA LEU A 237 -9.34 -2.30 7.33
C LEU A 237 -8.80 -1.14 8.19
N GLU A 238 -9.64 -0.15 8.46
CA GLU A 238 -9.27 0.93 9.37
C GLU A 238 -8.96 0.39 10.78
N ALA A 239 -9.76 -0.59 11.23
CA ALA A 239 -9.56 -1.11 12.57
C ALA A 239 -8.18 -1.79 12.63
N VAL A 240 -7.84 -2.52 11.58
CA VAL A 240 -6.51 -3.10 11.44
C VAL A 240 -5.48 -2.00 11.42
N LEU A 241 -5.60 -1.06 10.48
CA LEU A 241 -4.65 0.05 10.41
C LEU A 241 -4.37 0.62 11.81
N HIS A 242 -5.39 0.97 12.56
CA HIS A 242 -5.14 1.51 13.90
C HIS A 242 -4.33 0.58 14.77
N ASN A 243 -4.56 -0.72 14.65
CA ASN A 243 -3.92 -1.74 15.47
C ASN A 243 -2.55 -2.29 14.97
N MET A 244 -2.11 -1.81 13.83
CA MET A 244 -0.97 -2.39 13.13
C MET A 244 0.39 -1.93 13.70
N ARG A 245 1.33 -2.84 13.77
CA ARG A 245 2.67 -2.59 14.27
C ARG A 245 3.53 -1.85 13.24
N ILE A 246 4.57 -1.18 13.72
CA ILE A 246 5.64 -0.62 12.85
C ILE A 246 6.07 -1.69 11.78
N LYS A 247 6.29 -1.27 10.54
CA LYS A 247 6.68 -2.21 9.45
C LYS A 247 5.66 -3.33 9.18
N GLY A 248 4.41 -3.11 9.54
CA GLY A 248 3.36 -4.08 9.28
C GLY A 248 3.06 -4.17 7.81
N ARG A 249 2.44 -5.28 7.42
CA ARG A 249 2.21 -5.53 5.99
C ARG A 249 0.78 -5.93 5.85
N ILE A 250 0.16 -5.46 4.78
CA ILE A 250 -1.19 -5.83 4.43
C ILE A 250 -1.18 -6.36 3.00
N ALA A 251 -1.61 -7.61 2.84
CA ALA A 251 -1.77 -8.21 1.54
C ALA A 251 -3.21 -8.01 1.12
N ALA A 252 -3.44 -7.10 0.18
CA ALA A 252 -4.81 -6.82 -0.27
C ALA A 252 -5.12 -7.83 -1.38
N CYS A 253 -5.71 -8.92 -0.90
CA CYS A 253 -6.16 -10.06 -1.67
C CYS A 253 -7.50 -9.74 -2.27
N GLY A 254 -8.43 -9.28 -1.43
CA GLY A 254 -9.78 -8.90 -1.88
C GLY A 254 -10.42 -7.96 -0.90
N MET A 255 -11.53 -7.31 -1.32
CA MET A 255 -12.29 -6.44 -0.42
C MET A 255 -13.78 -6.64 -0.45
N ILE A 256 -14.22 -7.86 -0.13
CA ILE A 256 -15.59 -8.36 -0.44
C ILE A 256 -16.74 -7.53 0.17
N SER A 257 -16.50 -6.86 1.31
CA SER A 257 -17.49 -5.93 1.84
C SER A 257 -17.89 -4.84 0.81
N GLN A 258 -17.07 -4.60 -0.20
CA GLN A 258 -17.34 -3.53 -1.15
C GLN A 258 -17.98 -3.96 -2.46
N TYR A 259 -18.08 -5.26 -2.75
CA TYR A 259 -18.37 -5.64 -4.17
C TYR A 259 -19.80 -5.34 -4.63
N ASN A 260 -20.73 -5.33 -3.67
CA ASN A 260 -22.14 -5.02 -3.94
C ASN A 260 -22.60 -3.63 -3.41
N LEU A 261 -21.70 -2.66 -3.34
CA LEU A 261 -22.08 -1.30 -2.90
C LEU A 261 -22.03 -0.28 -4.04
N GLU A 262 -23.16 0.41 -4.26
CA GLU A 262 -23.22 1.52 -5.23
C GLU A 262 -22.27 2.64 -4.79
N LYS A 263 -22.00 2.69 -3.47
CA LYS A 263 -21.14 3.68 -2.82
C LYS A 263 -20.16 3.01 -1.86
N PRO A 264 -18.86 3.02 -2.16
CA PRO A 264 -17.94 2.30 -1.24
C PRO A 264 -17.60 3.04 0.09
N GLU A 265 -17.38 2.29 1.18
CA GLU A 265 -16.88 2.88 2.44
C GLU A 265 -15.55 3.63 2.22
N GLY A 266 -15.37 4.78 2.86
CA GLY A 266 -14.11 5.50 2.80
C GLY A 266 -13.26 5.00 3.94
N VAL A 267 -11.96 4.79 3.69
CA VAL A 267 -11.00 4.44 4.74
C VAL A 267 -10.31 5.75 5.14
N HIS A 268 -10.23 6.03 6.44
CA HIS A 268 -9.90 7.40 6.90
C HIS A 268 -8.53 7.57 7.50
N ASN A 269 -7.85 6.48 7.84
CA ASN A 269 -6.57 6.60 8.53
C ASN A 269 -5.36 6.06 7.80
N LEU A 270 -5.38 6.17 6.46
CA LEU A 270 -4.28 5.74 5.67
C LEU A 270 -3.01 6.41 6.14
N PHE A 271 -3.12 7.63 6.66
CA PHE A 271 -1.96 8.36 7.15
C PHE A 271 -1.05 7.50 8.03
N LEU A 272 -1.64 6.69 8.87
CA LEU A 272 -0.84 5.78 9.70
C LEU A 272 0.20 5.00 8.86
N ILE A 273 -0.09 4.79 7.61
CA ILE A 273 0.82 4.03 6.77
C ILE A 273 2.22 4.64 6.79
N VAL A 274 2.26 5.95 7.01
CA VAL A 274 3.50 6.71 7.00
C VAL A 274 4.38 6.49 8.26
N GLY A 275 3.79 6.77 9.41
CA GLY A 275 4.51 6.72 10.67
C GLY A 275 4.70 5.27 11.10
N LYS A 276 3.85 4.39 10.62
CA LYS A 276 4.10 3.00 10.93
C LYS A 276 4.85 2.29 9.82
N ARG A 277 5.16 2.99 8.73
CA ARG A 277 6.03 2.42 7.67
C ARG A 277 5.46 1.14 7.06
N ILE A 278 4.15 1.16 6.84
CA ILE A 278 3.41 0.01 6.39
C ILE A 278 3.47 -0.16 4.89
N ARG A 279 3.40 -1.42 4.48
CA ARG A 279 3.25 -1.75 3.09
C ARG A 279 1.86 -2.31 2.90
N LEU A 280 1.13 -1.72 1.96
CA LEU A 280 -0.17 -2.25 1.64
C LEU A 280 -0.07 -2.57 0.17
N GLU A 281 -0.14 -3.87 -0.14
CA GLU A 281 0.15 -4.36 -1.49
C GLU A 281 -0.92 -5.29 -2.06
N GLY A 282 -1.52 -4.87 -3.17
CA GLY A 282 -2.48 -5.72 -3.88
C GLY A 282 -1.75 -6.70 -4.78
N PHE A 283 -2.39 -7.82 -5.09
CA PHE A 283 -1.81 -8.84 -5.97
C PHE A 283 -2.95 -9.60 -6.63
N LEU A 284 -2.62 -10.26 -7.74
CA LEU A 284 -3.56 -11.05 -8.56
C LEU A 284 -2.95 -12.40 -8.94
N VAL A 285 -3.61 -13.47 -8.49
CA VAL A 285 -3.14 -14.83 -8.66
C VAL A 285 -2.89 -15.19 -10.14
N PHE A 286 -3.66 -14.58 -11.04
CA PHE A 286 -3.49 -14.70 -12.51
C PHE A 286 -2.09 -14.43 -13.01
N ASP A 287 -1.32 -13.61 -12.28
CA ASP A 287 0.03 -13.28 -12.69
C ASP A 287 1.03 -14.20 -12.06
N HIS A 288 0.56 -15.23 -11.36
CA HIS A 288 1.47 -16.03 -10.57
C HIS A 288 1.53 -17.50 -10.92
N TYR A 289 0.96 -17.89 -12.06
CA TYR A 289 0.83 -19.34 -12.40
C TYR A 289 2.16 -20.02 -12.50
N GLY A 290 3.21 -19.22 -12.66
CA GLY A 290 4.58 -19.68 -12.58
C GLY A 290 4.88 -20.44 -11.29
N SER A 291 4.31 -20.00 -10.19
CA SER A 291 4.52 -20.61 -8.88
C SER A 291 3.83 -21.98 -8.71
N TYR A 292 2.90 -22.29 -9.59
CA TYR A 292 2.05 -23.43 -9.38
C TYR A 292 2.78 -24.73 -8.96
N PRO A 293 3.72 -25.22 -9.79
CA PRO A 293 4.48 -26.45 -9.48
C PRO A 293 5.07 -26.54 -8.05
N GLU A 294 5.77 -25.50 -7.58
CA GLU A 294 6.36 -25.52 -6.24
C GLU A 294 5.19 -25.56 -5.25
N PHE A 295 4.15 -24.77 -5.54
CA PHE A 295 2.99 -24.73 -4.70
C PHE A 295 2.26 -26.08 -4.68
N GLU A 296 2.02 -26.65 -5.87
CA GLU A 296 1.33 -27.93 -5.96
C GLU A 296 2.07 -29.04 -5.24
N GLU A 297 3.38 -29.11 -5.42
CA GLU A 297 4.15 -30.11 -4.76
C GLU A 297 3.90 -29.92 -3.27
N LYS A 298 4.17 -28.74 -2.74
CA LYS A 298 4.04 -28.47 -1.30
C LYS A 298 2.65 -28.86 -0.72
N VAL A 299 1.58 -28.56 -1.46
CA VAL A 299 0.22 -28.70 -0.95
C VAL A 299 -0.31 -30.11 -1.19
N VAL A 300 0.00 -30.71 -2.34
CA VAL A 300 -0.39 -32.12 -2.50
C VAL A 300 0.18 -32.97 -1.37
N GLN A 301 1.42 -32.70 -0.93
CA GLN A 301 2.04 -33.46 0.16
C GLN A 301 1.33 -33.19 1.47
N LEU A 302 1.00 -31.93 1.74
CA LEU A 302 0.21 -31.57 2.93
C LEU A 302 -1.11 -32.31 3.02
N ILE A 303 -1.80 -32.40 1.89
CA ILE A 303 -3.09 -33.08 1.79
C ILE A 303 -2.93 -34.56 2.03
N LYS A 304 -1.92 -35.13 1.36
CA LYS A 304 -1.66 -36.57 1.45
C LYS A 304 -1.26 -36.93 2.86
N GLU A 305 -0.68 -35.98 3.59
CA GLU A 305 -0.20 -36.26 4.93
C GLU A 305 -1.16 -35.73 5.98
N GLU A 306 -2.35 -35.30 5.54
CA GLU A 306 -3.32 -34.66 6.44
C GLU A 306 -2.72 -33.58 7.37
N LYS A 307 -1.70 -32.88 6.91
CA LYS A 307 -1.17 -31.74 7.64
C LYS A 307 -1.86 -30.39 7.29
N ILE A 308 -2.94 -30.42 6.53
CA ILE A 308 -3.79 -29.27 6.24
C ILE A 308 -5.24 -29.74 6.13
N LYS A 309 -6.14 -28.93 6.65
CA LYS A 309 -7.52 -29.29 6.72
C LYS A 309 -8.23 -28.42 5.74
N TYR A 310 -9.38 -28.90 5.24
CA TYR A 310 -10.04 -28.15 4.20
C TYR A 310 -11.52 -28.47 4.24
N LEU A 311 -12.34 -27.43 4.26
CA LEU A 311 -13.78 -27.62 4.28
C LEU A 311 -14.40 -27.13 2.99
N GLU A 312 -15.14 -28.02 2.32
CA GLU A 312 -15.93 -27.61 1.19
C GLU A 312 -17.35 -27.52 1.59
N ASP A 313 -18.01 -26.57 0.94
CA ASP A 313 -19.42 -26.41 0.98
C ASP A 313 -19.89 -26.80 -0.40
N ILE A 314 -20.59 -27.94 -0.45
CA ILE A 314 -21.05 -28.54 -1.70
C ILE A 314 -22.52 -28.36 -1.92
N VAL A 315 -22.83 -27.93 -3.12
CA VAL A 315 -24.20 -27.77 -3.59
C VAL A 315 -24.35 -28.63 -4.84
N GLU A 316 -25.37 -29.48 -4.85
CA GLU A 316 -25.57 -30.45 -5.94
C GLU A 316 -26.39 -29.97 -7.15
N GLY A 317 -25.81 -30.05 -8.33
CA GLY A 317 -26.53 -29.78 -9.57
C GLY A 317 -26.23 -28.40 -10.09
N LEU A 318 -26.05 -28.28 -11.41
CA LEU A 318 -25.84 -27.00 -12.05
C LEU A 318 -26.92 -26.00 -11.71
N GLU A 319 -28.16 -26.47 -11.59
CA GLU A 319 -29.34 -25.60 -11.34
C GLU A 319 -29.17 -24.69 -10.07
N ASN A 320 -28.47 -25.21 -9.05
CA ASN A 320 -28.27 -24.51 -7.80
C ASN A 320 -27.07 -23.59 -7.80
N ALA A 321 -26.46 -23.40 -8.97
CA ALA A 321 -25.26 -22.54 -9.07
C ALA A 321 -25.58 -21.06 -8.83
N PRO A 322 -26.55 -20.47 -9.58
CA PRO A 322 -26.87 -19.07 -9.29
C PRO A 322 -27.05 -18.81 -7.80
N ALA A 323 -27.93 -19.54 -7.15
CA ALA A 323 -28.19 -19.29 -5.74
C ALA A 323 -26.93 -19.38 -4.88
N ALA A 324 -26.04 -20.31 -5.27
CA ALA A 324 -24.76 -20.51 -4.57
C ALA A 324 -23.84 -19.33 -4.76
N LEU A 325 -23.71 -18.81 -5.99
CA LEU A 325 -22.94 -17.59 -6.20
C LEU A 325 -23.48 -16.42 -5.31
N ILE A 326 -24.79 -16.15 -5.41
CA ILE A 326 -25.46 -15.13 -4.56
C ILE A 326 -25.19 -15.34 -3.07
N GLY A 327 -25.28 -16.59 -2.61
CA GLY A 327 -25.04 -16.90 -1.20
C GLY A 327 -23.69 -16.48 -0.63
N LEU A 328 -22.67 -16.42 -1.48
CA LEU A 328 -21.35 -15.95 -1.03
C LEU A 328 -21.37 -14.56 -0.37
N PHE A 329 -22.17 -13.63 -0.91
CA PHE A 329 -22.12 -12.24 -0.40
C PHE A 329 -22.95 -12.03 0.88
N GLU A 330 -23.69 -13.06 1.26
CA GLU A 330 -24.36 -13.12 2.55
C GLU A 330 -23.69 -14.12 3.45
N GLY A 331 -22.57 -14.70 3.00
CA GLY A 331 -21.87 -15.67 3.79
C GLY A 331 -22.69 -16.88 4.13
N ARG A 332 -23.52 -17.37 3.20
CA ARG A 332 -24.21 -18.66 3.40
C ARG A 332 -23.19 -19.83 3.37
N ASN A 333 -22.20 -19.72 2.48
CA ASN A 333 -21.24 -20.80 2.28
C ASN A 333 -20.46 -21.02 3.57
N VAL A 334 -20.26 -22.29 3.92
CA VAL A 334 -19.47 -22.63 5.08
C VAL A 334 -18.34 -23.52 4.58
N GLY A 335 -17.19 -22.91 4.29
CA GLY A 335 -16.12 -23.52 3.52
C GLY A 335 -16.19 -23.04 2.07
N LYS A 336 -15.37 -23.63 1.20
CA LYS A 336 -15.24 -23.20 -0.19
C LYS A 336 -16.47 -23.59 -0.96
N GLN A 337 -17.07 -22.66 -1.68
CA GLN A 337 -18.33 -23.00 -2.35
C GLN A 337 -18.13 -23.77 -3.66
N VAL A 338 -18.66 -24.99 -3.73
CA VAL A 338 -18.48 -25.84 -4.94
C VAL A 338 -19.86 -26.24 -5.43
N VAL A 339 -19.99 -26.33 -6.74
CA VAL A 339 -21.17 -26.86 -7.37
C VAL A 339 -20.81 -28.13 -8.11
N VAL A 340 -21.43 -29.24 -7.72
CA VAL A 340 -21.25 -30.49 -8.45
C VAL A 340 -22.15 -30.53 -9.70
N VAL A 341 -21.60 -30.36 -10.90
CA VAL A 341 -22.39 -30.45 -12.13
C VAL A 341 -22.72 -31.90 -12.53
N SER A 342 -21.73 -32.78 -12.44
CA SER A 342 -21.86 -34.15 -12.89
C SER A 342 -20.70 -34.83 -12.24
N ARG A 343 -20.96 -35.85 -11.46
CA ARG A 343 -19.94 -36.47 -10.66
C ARG A 343 -19.31 -37.62 -11.44
N GLU A 344 -17.97 -37.65 -11.49
CA GLU A 344 -17.27 -38.49 -12.49
C GLU A 344 -17.61 -39.94 -12.34
N LYS A 345 -17.42 -40.65 -13.45
CA LYS A 345 -17.61 -42.09 -13.48
C LYS A 345 -16.53 -42.66 -12.54
N GLY A 346 -16.95 -43.40 -11.51
CA GLY A 346 -15.98 -44.14 -10.66
C GLY A 346 -15.87 -43.83 -9.18
N HIS A 347 -16.47 -42.73 -8.74
CA HIS A 347 -16.53 -42.39 -7.34
C HIS A 347 -17.15 -43.53 -6.59
N HIS A 348 -16.53 -43.81 -5.44
CA HIS A 348 -17.04 -44.71 -4.45
C HIS A 348 -16.83 -44.02 -3.12
N HIS A 349 -17.14 -42.72 -3.07
CA HIS A 349 -16.79 -41.91 -1.91
C HIS A 349 -17.95 -41.38 -1.04
N HIS A 350 -17.86 -41.64 0.27
CA HIS A 350 -18.92 -41.32 1.25
C HIS A 350 -18.86 -39.91 1.75
N HIS A 351 -20.00 -39.40 2.19
CA HIS A 351 -20.06 -38.14 2.95
C HIS A 351 -21.20 -38.13 3.91
N HIS A 352 -21.36 -37.00 4.60
CA HIS A 352 -22.51 -36.74 5.45
C HIS A 352 -23.34 -35.63 4.88
N VAL B 1 33.20 34.03 29.83
CA VAL B 1 32.48 34.49 28.60
C VAL B 1 30.99 34.03 28.57
N VAL B 2 30.07 34.92 28.97
CA VAL B 2 28.62 34.63 28.98
C VAL B 2 27.80 35.52 28.01
N VAL B 3 27.11 34.90 27.05
CA VAL B 3 26.40 35.68 26.02
C VAL B 3 24.87 35.56 26.02
N VAL B 4 24.22 36.52 25.38
CA VAL B 4 22.77 36.52 25.19
C VAL B 4 22.36 35.32 24.36
N ASN B 5 21.25 34.70 24.71
CA ASN B 5 20.77 33.62 23.93
C ASN B 5 19.26 33.71 23.69
N LYS B 6 18.82 34.28 22.56
CA LYS B 6 17.40 34.34 22.23
C LYS B 6 16.83 32.92 22.03
N GLN B 7 15.57 32.72 22.40
CA GLN B 7 14.96 31.40 22.26
C GLN B 7 13.56 31.51 21.70
N VAL B 8 13.16 30.46 20.99
CA VAL B 8 11.79 30.35 20.56
C VAL B 8 11.16 29.11 21.23
N LEU B 9 10.07 29.34 21.96
CA LEU B 9 9.44 28.30 22.77
C LEU B 9 8.07 27.96 22.28
N LEU B 10 7.66 26.71 22.53
CA LEU B 10 6.25 26.38 22.43
C LEU B 10 5.58 27.04 23.60
N LYS B 11 4.71 28.00 23.32
CA LYS B 11 3.95 28.68 24.34
C LYS B 11 3.06 27.67 25.04
N HIS B 12 2.21 26.98 24.28
CA HIS B 12 1.28 25.98 24.83
C HIS B 12 1.09 24.90 23.81
N PHE B 13 0.54 23.76 24.21
CA PHE B 13 0.00 22.79 23.24
C PHE B 13 -1.18 23.40 22.44
N ILE B 14 -1.59 22.74 21.37
CA ILE B 14 -2.70 23.19 20.53
C ILE B 14 -3.58 21.99 20.18
N PRO B 15 -4.90 22.23 19.95
CA PRO B 15 -5.81 21.12 19.61
C PRO B 15 -5.71 20.72 18.12
N GLU B 16 -6.55 19.79 17.67
CA GLU B 16 -6.66 19.50 16.24
C GLU B 16 -6.87 20.81 15.48
N GLY B 17 -6.45 20.86 14.22
CA GLY B 17 -6.60 22.08 13.43
C GLY B 17 -5.26 22.70 13.06
N ALA B 18 -5.24 24.02 12.91
CA ALA B 18 -4.04 24.72 12.41
C ALA B 18 -3.26 25.50 13.49
N PRO B 19 -1.93 25.27 13.56
CA PRO B 19 -0.97 26.15 14.20
C PRO B 19 -1.08 27.60 13.75
N LYS B 20 -0.62 28.49 14.63
CA LYS B 20 -0.60 29.93 14.42
C LYS B 20 0.68 30.50 15.03
N GLU B 21 1.12 31.67 14.56
CA GLU B 21 2.35 32.34 15.05
C GLU B 21 2.41 32.53 16.57
N THR B 22 1.24 32.56 17.17
CA THR B 22 1.10 32.99 18.55
C THR B 22 1.21 31.81 19.50
N ASP B 23 1.08 30.62 18.93
CA ASP B 23 1.49 29.39 19.60
C ASP B 23 2.99 29.37 19.97
N MET B 24 3.81 30.24 19.35
CA MET B 24 5.21 30.41 19.68
C MET B 24 5.45 31.74 20.37
N GLU B 25 6.58 31.87 21.05
CA GLU B 25 6.97 33.16 21.64
C GLU B 25 8.49 33.26 21.71
N LEU B 26 9.00 34.43 21.34
CA LEU B 26 10.42 34.77 21.41
C LEU B 26 10.71 35.37 22.77
N VAL B 27 11.79 34.87 23.39
CA VAL B 27 12.27 35.32 24.69
C VAL B 27 13.70 35.82 24.51
N THR B 28 14.01 37.00 25.04
CA THR B 28 15.33 37.62 24.79
C THR B 28 16.24 37.84 26.02
N THR B 29 15.75 37.51 27.20
CA THR B 29 16.49 37.80 28.46
C THR B 29 17.51 36.72 28.84
N GLY B 30 17.23 35.48 28.44
CA GLY B 30 18.13 34.34 28.71
C GLY B 30 19.57 34.52 28.27
N THR B 31 20.48 33.86 28.97
CA THR B 31 21.89 33.86 28.61
C THR B 31 22.45 32.44 28.64
N ILE B 32 23.73 32.29 28.28
CA ILE B 32 24.36 30.98 28.21
C ILE B 32 25.85 31.17 28.27
N ARG B 33 26.52 30.30 29.02
CA ARG B 33 28.01 30.29 29.11
C ARG B 33 28.55 29.62 27.86
N LEU B 34 29.69 30.10 27.36
CA LEU B 34 30.26 29.63 26.09
C LEU B 34 31.30 28.52 26.23
N ARG B 35 31.06 27.61 27.17
CA ARG B 35 31.87 26.39 27.30
C ARG B 35 30.90 25.29 27.61
N VAL B 36 31.32 24.06 27.43
CA VAL B 36 30.56 22.93 27.94
C VAL B 36 30.98 22.71 29.39
N PRO B 37 30.10 22.09 30.22
CA PRO B 37 30.44 21.55 31.55
C PRO B 37 31.64 20.57 31.60
N GLU B 38 32.50 20.69 32.63
CA GLU B 38 33.58 19.69 32.88
C GLU B 38 32.93 18.29 33.08
N GLY B 39 33.59 17.22 32.64
CA GLY B 39 33.04 15.87 32.79
C GLY B 39 31.80 15.54 31.96
N SER B 40 31.33 16.52 31.17
CA SER B 40 30.21 16.31 30.25
C SER B 40 30.60 15.41 29.06
N ASN B 41 29.61 14.95 28.31
CA ASN B 41 29.83 14.34 26.99
C ASN B 41 28.95 15.10 25.95
N ALA B 42 29.31 16.34 25.68
CA ALA B 42 28.43 17.29 25.01
C ALA B 42 29.14 18.14 23.95
N VAL B 43 28.34 18.69 23.05
CA VAL B 43 28.83 19.65 22.11
C VAL B 43 28.05 20.96 22.23
N LEU B 44 28.76 22.06 22.35
CA LEU B 44 28.15 23.37 22.30
C LEU B 44 28.15 23.97 20.87
N LEU B 45 26.96 24.39 20.43
CA LEU B 45 26.75 24.82 19.08
C LEU B 45 26.37 26.27 19.05
N LYS B 46 26.98 27.02 18.12
CA LYS B 46 26.41 28.30 17.67
C LYS B 46 25.52 27.93 16.48
N ASN B 47 24.23 28.23 16.59
CA ASN B 47 23.24 27.81 15.60
C ASN B 47 23.23 28.78 14.41
N LEU B 48 23.46 28.24 13.20
CA LEU B 48 23.64 29.08 12.03
C LEU B 48 22.34 29.18 11.24
N TYR B 49 21.78 28.03 10.88
CA TYR B 49 20.60 27.97 10.05
C TYR B 49 19.63 26.92 10.56
N LEU B 50 18.33 27.21 10.36
CA LEU B 50 17.24 26.35 10.76
C LEU B 50 16.28 26.11 9.63
N SER B 51 15.83 24.88 9.53
CA SER B 51 14.89 24.45 8.53
C SER B 51 13.48 24.52 9.15
N CYS B 52 12.46 25.03 8.45
CA CYS B 52 11.07 24.73 8.84
C CYS B 52 10.62 23.54 7.99
N ASP B 53 10.15 22.48 8.64
CA ASP B 53 9.75 21.27 7.92
C ASP B 53 8.31 21.00 8.28
N PRO B 54 7.50 20.51 7.32
CA PRO B 54 6.08 20.24 7.62
C PRO B 54 5.84 19.36 8.86
N TYR B 55 6.62 18.29 9.04
CA TYR B 55 6.43 17.34 10.16
C TYR B 55 6.38 18.02 11.57
N MET B 56 6.87 19.26 11.69
CA MET B 56 6.99 19.94 12.97
C MET B 56 5.62 20.19 13.63
N ARG B 57 4.63 20.44 12.79
CA ARG B 57 3.28 20.69 13.22
C ARG B 57 2.82 19.60 14.19
N MET B 58 2.93 18.34 13.77
CA MET B 58 2.58 17.17 14.60
C MET B 58 3.10 17.28 16.02
N ARG B 59 4.27 17.92 16.17
CA ARG B 59 4.94 17.98 17.47
C ARG B 59 4.42 19.08 18.40
N MET B 60 3.51 19.90 17.89
CA MET B 60 2.86 20.91 18.72
C MET B 60 1.64 20.36 19.50
N THR B 61 1.19 19.16 19.13
CA THR B 61 0.01 18.48 19.71
C THR B 61 0.39 17.36 20.71
N LYS B 62 -0.37 17.23 21.81
CA LYS B 62 -0.05 16.24 22.88
C LYS B 62 -0.48 14.79 22.58
N HIS B 63 0.48 13.87 22.67
CA HIS B 63 0.22 12.44 22.37
C HIS B 63 0.50 11.57 23.56
N GLU B 64 -0.56 10.93 24.07
CA GLU B 64 -0.47 9.96 25.18
C GLU B 64 0.58 8.85 24.92
N GLU B 65 0.48 8.19 23.75
CA GLU B 65 1.46 7.20 23.29
C GLU B 65 2.45 7.84 22.31
N ALA B 66 3.69 7.34 22.31
CA ALA B 66 4.76 7.94 21.50
C ALA B 66 4.53 7.77 19.98
N SER B 67 4.25 8.88 19.30
CA SER B 67 4.38 8.91 17.84
C SER B 67 5.88 8.77 17.59
N TYR B 68 6.27 8.65 16.32
CA TYR B 68 7.66 8.41 15.92
C TYR B 68 8.62 9.35 16.64
N VAL B 69 8.22 10.62 16.71
CA VAL B 69 8.99 11.69 17.35
C VAL B 69 8.25 12.26 18.56
N ASP B 70 8.99 12.51 19.64
CA ASP B 70 8.46 13.16 20.84
C ASP B 70 7.78 14.50 20.57
N ASP B 71 6.79 14.82 21.37
CA ASP B 71 6.12 16.12 21.33
C ASP B 71 7.00 17.23 21.86
N PHE B 72 6.78 18.46 21.38
CA PHE B 72 7.39 19.65 22.00
C PHE B 72 6.87 19.79 23.43
N VAL B 73 7.66 20.51 24.24
CA VAL B 73 7.36 20.77 25.64
C VAL B 73 7.05 22.28 25.76
N PRO B 74 5.82 22.63 26.20
CA PRO B 74 5.47 24.01 26.63
C PRO B 74 6.52 24.66 27.54
N GLY B 75 6.87 25.92 27.29
CA GLY B 75 7.99 26.60 27.99
C GLY B 75 9.39 26.19 27.55
N ALA B 76 9.47 25.13 26.74
CA ALA B 76 10.76 24.68 26.20
C ALA B 76 10.93 25.15 24.75
N PRO B 77 12.20 25.41 24.33
CA PRO B 77 12.47 25.80 22.94
C PRO B 77 11.95 24.80 21.93
N ILE B 78 11.40 25.31 20.84
CA ILE B 78 11.20 24.54 19.62
C ILE B 78 12.55 23.93 19.17
N THR B 79 12.50 22.70 18.68
CA THR B 79 13.66 22.06 18.07
C THR B 79 13.27 21.56 16.68
N GLY B 80 14.30 21.29 15.85
CA GLY B 80 14.12 20.66 14.51
C GLY B 80 15.45 20.80 13.80
N PHE B 81 15.56 20.28 12.57
CA PHE B 81 16.81 20.32 11.87
C PHE B 81 17.42 21.74 11.65
N GLY B 82 18.75 21.79 11.67
CA GLY B 82 19.47 22.99 11.43
C GLY B 82 20.95 22.74 11.23
N VAL B 83 21.69 23.81 11.05
CA VAL B 83 23.08 23.62 10.89
C VAL B 83 23.76 24.45 11.93
N GLY B 84 24.86 23.93 12.50
CA GLY B 84 25.60 24.69 13.50
C GLY B 84 27.12 24.54 13.53
N LYS B 85 27.72 25.40 14.30
CA LYS B 85 29.17 25.35 14.44
C LYS B 85 29.51 25.02 15.88
N VAL B 86 30.42 24.08 16.07
CA VAL B 86 30.93 23.73 17.39
C VAL B 86 31.72 24.85 18.09
N VAL B 87 31.17 25.46 19.13
CA VAL B 87 31.93 26.47 19.86
C VAL B 87 32.85 25.81 20.88
N ASP B 88 32.51 24.59 21.27
CA ASP B 88 33.22 23.83 22.30
C ASP B 88 32.74 22.40 22.35
N SER B 89 33.65 21.46 22.63
CA SER B 89 33.27 20.05 22.71
C SER B 89 34.00 19.29 23.83
N SER B 90 33.29 18.31 24.40
CA SER B 90 33.84 17.33 25.32
C SER B 90 33.38 15.95 24.86
N HIS B 91 32.99 15.88 23.59
CA HIS B 91 32.76 14.62 22.90
C HIS B 91 33.81 14.51 21.83
N PRO B 92 34.51 13.36 21.80
CA PRO B 92 35.63 13.10 20.88
C PRO B 92 35.42 13.52 19.42
N ASP B 93 34.24 13.26 18.87
CA ASP B 93 34.12 13.29 17.40
C ASP B 93 33.96 14.69 16.82
N PHE B 94 33.84 15.67 17.71
CA PHE B 94 33.52 17.02 17.27
C PHE B 94 34.53 18.01 17.87
N LYS B 95 35.13 18.85 17.03
CA LYS B 95 36.16 19.78 17.52
C LYS B 95 35.73 21.23 17.30
N THR B 96 36.20 22.16 18.15
CA THR B 96 35.90 23.60 17.96
C THR B 96 36.18 24.00 16.48
N GLY B 97 35.24 24.70 15.85
CA GLY B 97 35.33 25.08 14.42
C GLY B 97 34.69 24.15 13.38
N ASP B 98 34.32 22.92 13.78
CA ASP B 98 33.51 22.01 12.98
C ASP B 98 32.06 22.49 12.73
N TYR B 99 31.53 22.04 11.59
CA TYR B 99 30.19 22.38 11.20
C TYR B 99 29.40 21.08 11.23
N VAL B 100 28.17 21.13 11.72
CA VAL B 100 27.28 19.96 11.84
C VAL B 100 25.83 20.28 11.53
N TRP B 101 25.09 19.22 11.25
CA TRP B 101 23.68 19.32 11.10
C TRP B 101 22.95 18.22 11.79
N GLY B 102 21.73 18.53 12.21
CA GLY B 102 20.93 17.59 12.98
C GLY B 102 19.91 18.38 13.73
N LEU B 103 19.22 17.73 14.68
CA LEU B 103 18.20 18.41 15.44
C LEU B 103 18.84 19.34 16.46
N ILE B 104 18.58 20.63 16.33
CA ILE B 104 19.13 21.58 17.31
C ILE B 104 17.98 22.45 17.85
N GLY B 105 18.31 23.36 18.76
CA GLY B 105 17.30 24.22 19.37
C GLY B 105 17.02 25.48 18.57
N TRP B 106 15.81 26.02 18.72
CA TRP B 106 15.42 27.25 18.02
C TRP B 106 15.89 28.42 18.81
N GLU B 107 17.20 28.63 18.81
CA GLU B 107 17.85 29.58 19.73
C GLU B 107 19.23 29.86 19.14
N GLU B 108 20.00 30.73 19.77
CA GLU B 108 21.33 31.09 19.27
C GLU B 108 22.39 30.04 19.60
N TYR B 109 22.16 29.21 20.61
CA TYR B 109 23.21 28.31 21.05
C TYR B 109 22.61 27.06 21.63
N SER B 110 23.12 25.90 21.25
CA SER B 110 22.54 24.70 21.79
C SER B 110 23.60 23.80 22.40
N LEU B 111 23.39 23.47 23.67
CA LEU B 111 24.20 22.46 24.26
C LEU B 111 23.47 21.17 23.96
N ILE B 112 24.05 20.42 23.04
CA ILE B 112 23.60 19.09 22.67
C ILE B 112 24.31 18.08 23.57
N THR B 113 23.52 17.38 24.39
CA THR B 113 24.04 16.34 25.27
C THR B 113 23.85 14.98 24.64
N LYS B 114 23.19 14.90 23.49
CA LYS B 114 23.07 13.63 22.78
C LYS B 114 23.76 13.72 21.41
N PRO B 115 25.10 13.82 21.38
CA PRO B 115 25.83 14.26 20.20
C PRO B 115 25.82 13.26 19.05
N GLN B 116 25.46 12.03 19.33
CA GLN B 116 25.46 10.98 18.34
C GLN B 116 24.42 11.21 17.20
N GLY B 117 23.43 12.07 17.48
CA GLY B 117 22.45 12.48 16.46
C GLY B 117 22.85 13.69 15.61
N LEU B 118 24.13 14.06 15.65
CA LEU B 118 24.71 15.10 14.81
C LEU B 118 25.51 14.50 13.67
N PHE B 119 25.63 15.25 12.56
CA PHE B 119 26.45 14.81 11.43
C PHE B 119 27.38 15.95 11.02
N LYS B 120 28.67 15.62 10.93
CA LYS B 120 29.71 16.61 10.64
C LYS B 120 29.59 16.92 9.18
N ILE B 121 29.84 18.17 8.81
CA ILE B 121 29.74 18.56 7.41
C ILE B 121 31.11 18.52 6.75
N HIS B 122 31.23 17.74 5.68
CA HIS B 122 32.53 17.50 5.03
C HIS B 122 32.78 18.36 3.82
N HIS B 123 31.73 18.95 3.28
CA HIS B 123 31.89 19.84 2.15
C HIS B 123 31.50 21.23 2.57
N THR B 124 32.48 22.05 2.92
CA THR B 124 32.16 23.42 3.26
C THR B 124 32.23 24.39 2.07
N GLU B 125 32.72 23.90 0.91
CA GLU B 125 32.61 24.66 -0.34
C GLU B 125 31.13 24.93 -0.68
N ILE B 126 30.26 24.02 -0.28
CA ILE B 126 28.83 24.14 -0.53
C ILE B 126 28.20 25.04 0.53
N PRO B 127 27.22 25.89 0.15
CA PRO B 127 26.58 26.74 1.17
C PRO B 127 26.02 25.86 2.29
N LEU B 128 26.23 26.29 3.53
CA LEU B 128 25.93 25.48 4.67
C LEU B 128 24.45 25.27 4.81
N SER B 129 23.67 26.28 4.43
CA SER B 129 22.22 26.15 4.48
C SER B 129 21.63 24.89 3.75
N TYR B 130 22.24 24.45 2.64
CA TYR B 130 21.88 23.18 1.97
C TYR B 130 21.76 21.99 2.90
N TYR B 131 22.55 21.96 3.98
CA TYR B 131 22.44 20.90 4.96
C TYR B 131 21.23 21.02 5.87
N THR B 132 20.43 22.08 5.69
CA THR B 132 19.08 22.06 6.25
C THR B 132 18.17 21.20 5.36
N GLY B 133 18.31 21.33 4.04
CA GLY B 133 17.47 20.56 3.07
C GLY B 133 18.10 19.62 2.02
N ILE B 134 18.54 20.15 0.89
CA ILE B 134 18.95 19.30 -0.19
C ILE B 134 20.01 18.27 0.26
N LEU B 135 20.92 18.67 1.14
CA LEU B 135 21.96 17.77 1.62
C LEU B 135 21.67 17.33 3.03
N GLY B 136 20.42 17.57 3.44
CA GLY B 136 19.99 17.17 4.78
C GLY B 136 18.93 16.10 4.72
N MET B 137 18.11 16.12 5.74
CA MET B 137 16.94 15.29 5.93
C MET B 137 16.06 15.23 4.64
N VAL B 138 15.77 16.43 4.10
CA VAL B 138 14.84 16.63 2.97
C VAL B 138 15.35 15.89 1.73
N GLY B 139 16.60 16.13 1.36
CA GLY B 139 17.18 15.40 0.23
C GLY B 139 17.19 13.92 0.51
N LEU B 140 17.66 13.51 1.68
CA LEU B 140 17.70 12.06 1.96
C LEU B 140 16.32 11.39 1.76
N THR B 141 15.28 12.13 2.15
CA THR B 141 13.90 11.74 1.98
C THR B 141 13.60 11.48 0.50
N ALA B 142 13.87 12.46 -0.33
CA ALA B 142 13.67 12.35 -1.76
C ALA B 142 14.42 11.12 -2.29
N TYR B 143 15.66 10.99 -1.85
CA TYR B 143 16.54 9.98 -2.37
C TYR B 143 16.05 8.55 -2.03
N VAL B 144 15.79 8.28 -0.75
CA VAL B 144 15.25 6.99 -0.30
C VAL B 144 13.85 6.68 -0.88
N GLY B 145 12.92 7.62 -0.70
CA GLY B 145 11.63 7.57 -1.35
C GLY B 145 11.68 7.14 -2.80
N PHE B 146 12.57 7.75 -3.58
CA PHE B 146 12.47 7.58 -4.99
C PHE B 146 13.20 6.34 -5.49
N TYR B 147 14.45 6.18 -5.06
CA TYR B 147 15.35 5.14 -5.54
C TYR B 147 14.99 3.84 -4.93
N ASP B 148 14.57 3.90 -3.69
CA ASP B 148 14.25 2.67 -3.00
C ASP B 148 12.73 2.36 -3.03
N ILE B 149 11.89 3.13 -2.33
CA ILE B 149 10.47 2.81 -2.28
C ILE B 149 9.73 2.70 -3.65
N CYS B 150 10.04 3.56 -4.63
CA CYS B 150 9.36 3.56 -5.92
C CYS B 150 9.90 2.55 -6.97
N SER B 151 11.02 1.87 -6.71
CA SER B 151 11.64 0.92 -7.66
C SER B 151 11.48 1.35 -9.11
N PRO B 152 12.00 2.52 -9.46
CA PRO B 152 11.65 3.01 -10.77
C PRO B 152 12.41 2.31 -11.91
N LYS B 153 11.82 2.34 -13.10
CA LYS B 153 12.43 1.90 -14.37
C LYS B 153 12.46 3.10 -15.34
N LYS B 154 13.59 3.27 -16.04
CA LYS B 154 13.68 4.12 -17.25
C LYS B 154 12.42 3.88 -18.05
N GLY B 155 11.65 4.93 -18.26
CA GLY B 155 10.45 4.90 -19.07
C GLY B 155 9.13 5.13 -18.32
N GLU B 156 9.12 4.90 -17.00
CA GLU B 156 7.87 4.98 -16.22
C GLU B 156 7.36 6.40 -16.02
N ARG B 157 6.08 6.52 -15.66
CA ARG B 157 5.38 7.80 -15.68
C ARG B 157 5.10 8.22 -14.25
N VAL B 158 5.76 9.31 -13.83
CA VAL B 158 5.87 9.70 -12.44
C VAL B 158 5.01 10.91 -12.11
N PHE B 159 4.19 10.78 -11.09
CA PHE B 159 3.49 11.94 -10.62
C PHE B 159 3.90 12.28 -9.18
N VAL B 160 4.04 13.58 -8.89
CA VAL B 160 4.56 14.05 -7.61
C VAL B 160 3.62 15.12 -7.13
N SER B 161 2.87 14.88 -6.06
CA SER B 161 2.16 15.98 -5.39
C SER B 161 3.05 16.87 -4.49
N ALA B 162 2.61 18.08 -4.17
CA ALA B 162 3.44 19.09 -3.47
C ALA B 162 4.73 19.24 -4.17
N ALA B 163 4.71 19.07 -5.50
CA ALA B 163 5.91 19.00 -6.30
C ALA B 163 6.86 20.19 -6.15
N ALA B 164 6.33 21.33 -5.67
CA ALA B 164 7.16 22.54 -5.60
C ALA B 164 7.76 22.66 -4.22
N GLY B 165 7.30 21.78 -3.32
CA GLY B 165 7.89 21.64 -2.01
C GLY B 165 9.29 21.11 -2.11
N ALA B 166 9.99 21.10 -0.98
CA ALA B 166 11.41 20.82 -1.01
C ALA B 166 11.75 19.39 -1.44
N VAL B 167 11.03 18.41 -0.90
CA VAL B 167 11.22 17.02 -1.34
C VAL B 167 10.77 16.82 -2.77
N GLY B 168 9.59 17.35 -3.06
CA GLY B 168 8.95 17.17 -4.35
C GLY B 168 9.85 17.63 -5.46
N GLN B 169 10.45 18.80 -5.27
CA GLN B 169 11.32 19.38 -6.29
C GLN B 169 12.58 18.56 -6.50
N ILE B 170 13.00 17.81 -5.49
CA ILE B 170 14.21 16.98 -5.60
C ILE B 170 13.84 15.62 -6.27
N VAL B 171 12.70 15.08 -5.85
CA VAL B 171 12.14 13.88 -6.47
C VAL B 171 11.99 14.04 -7.97
N GLY B 172 11.37 15.15 -8.35
CA GLY B 172 11.12 15.43 -9.75
C GLY B 172 12.39 15.38 -10.54
N GLN B 173 13.44 16.05 -10.07
CA GLN B 173 14.71 16.01 -10.79
C GLN B 173 15.35 14.62 -10.81
N PHE B 174 15.35 13.91 -9.68
CA PHE B 174 15.91 12.55 -9.67
C PHE B 174 15.25 11.71 -10.78
N ALA B 175 13.94 11.85 -10.86
CA ALA B 175 13.14 11.07 -11.76
C ALA B 175 13.40 11.47 -13.21
N LYS B 176 13.36 12.78 -13.54
CA LYS B 176 13.67 13.13 -14.94
C LYS B 176 15.06 12.61 -15.32
N GLN B 177 16.03 12.79 -14.46
CA GLN B 177 17.35 12.28 -14.74
C GLN B 177 17.44 10.75 -14.79
N PHE B 178 16.40 10.05 -14.30
CA PHE B 178 16.37 8.58 -14.40
C PHE B 178 15.82 8.10 -15.72
N GLY B 179 15.28 9.04 -16.51
CA GLY B 179 14.65 8.76 -17.79
C GLY B 179 13.18 8.50 -17.56
N CYS B 180 12.52 9.39 -16.83
CA CYS B 180 11.13 9.20 -16.52
C CYS B 180 10.33 10.39 -16.99
N TYR B 181 9.03 10.16 -17.19
CA TYR B 181 8.10 11.20 -17.57
C TYR B 181 7.51 11.80 -16.29
N VAL B 182 7.64 13.11 -16.11
CA VAL B 182 7.43 13.65 -14.76
C VAL B 182 6.45 14.77 -14.74
N VAL B 183 5.49 14.70 -13.83
CA VAL B 183 4.45 15.71 -13.76
C VAL B 183 4.23 16.01 -12.30
N GLY B 184 4.17 17.29 -11.94
CA GLY B 184 3.96 17.63 -10.55
C GLY B 184 2.72 18.45 -10.39
N SER B 185 2.18 18.54 -9.18
CA SER B 185 1.06 19.41 -8.90
C SER B 185 1.42 20.38 -7.76
N ALA B 186 0.80 21.57 -7.74
CA ALA B 186 1.15 22.64 -6.82
C ALA B 186 -0.04 23.53 -6.53
N GLY B 187 0.13 24.45 -5.56
CA GLY B 187 -0.88 25.43 -5.15
C GLY B 187 -0.89 26.84 -5.80
N SER B 188 0.04 27.09 -6.74
CA SER B 188 0.25 28.44 -7.35
C SER B 188 0.66 28.32 -8.81
N ASP B 189 0.28 29.31 -9.61
CA ASP B 189 0.73 29.39 -11.00
C ASP B 189 2.22 29.71 -11.02
N GLU B 190 2.65 30.59 -10.14
CA GLU B 190 4.10 30.82 -9.90
C GLU B 190 4.91 29.52 -9.79
N LYS B 191 4.41 28.60 -8.96
CA LYS B 191 5.10 27.31 -8.72
C LYS B 191 4.97 26.34 -9.91
N VAL B 192 3.76 26.25 -10.48
CA VAL B 192 3.57 25.45 -11.71
C VAL B 192 4.65 25.79 -12.76
N ASN B 193 4.79 27.08 -13.02
CA ASN B 193 5.79 27.66 -13.92
C ASN B 193 7.27 27.37 -13.52
N LEU B 194 7.61 27.44 -12.23
CA LEU B 194 8.96 26.95 -11.77
C LEU B 194 9.25 25.47 -12.05
N LEU B 195 8.23 24.64 -11.86
CA LEU B 195 8.31 23.19 -12.11
C LEU B 195 8.72 22.95 -13.54
N LYS B 196 8.09 23.67 -14.47
CA LYS B 196 8.40 23.58 -15.90
C LYS B 196 9.67 24.30 -16.37
N THR B 197 9.88 25.53 -15.90
CA THR B 197 11.06 26.30 -16.36
C THR B 197 12.31 25.91 -15.56
N LYS B 198 12.31 26.21 -14.26
CA LYS B 198 13.47 25.93 -13.41
C LYS B 198 13.73 24.43 -13.26
N PHE B 199 12.70 23.66 -12.87
CA PHE B 199 12.93 22.27 -12.41
C PHE B 199 12.80 21.16 -13.44
N GLY B 200 12.42 21.48 -14.67
CA GLY B 200 12.44 20.51 -15.78
C GLY B 200 11.41 19.40 -15.70
N PHE B 201 10.30 19.67 -15.01
CA PHE B 201 9.14 18.79 -15.03
C PHE B 201 8.54 18.88 -16.44
N ASP B 202 8.01 17.76 -16.93
CA ASP B 202 7.46 17.72 -18.28
C ASP B 202 6.14 18.47 -18.36
N GLU B 203 5.36 18.36 -17.29
CA GLU B 203 4.14 19.12 -17.18
C GLU B 203 3.93 19.40 -15.71
N ALA B 204 2.93 20.21 -15.42
CA ALA B 204 2.61 20.52 -14.04
C ALA B 204 1.32 21.29 -14.00
N PHE B 205 0.60 21.23 -12.87
CA PHE B 205 -0.68 21.98 -12.81
C PHE B 205 -1.00 22.49 -11.43
N ASN B 206 -1.90 23.46 -11.36
CA ASN B 206 -2.33 24.06 -10.11
C ASN B 206 -3.59 23.37 -9.63
N TYR B 207 -3.44 22.64 -8.53
CA TYR B 207 -4.49 21.79 -8.09
C TYR B 207 -5.72 22.61 -7.69
N LYS B 208 -5.51 23.88 -7.35
CA LYS B 208 -6.59 24.72 -6.80
C LYS B 208 -7.53 25.17 -7.90
N LYS B 209 -7.07 25.12 -9.14
CA LYS B 209 -7.87 25.61 -10.24
C LYS B 209 -8.37 24.45 -11.09
N GLU B 210 -8.34 23.26 -10.49
CA GLU B 210 -8.87 22.05 -11.10
C GLU B 210 -10.09 21.54 -10.31
N PRO B 211 -11.27 21.59 -10.94
CA PRO B 211 -12.49 21.12 -10.30
C PRO B 211 -12.59 19.57 -10.31
N ASP B 212 -11.92 18.90 -11.25
CA ASP B 212 -11.87 17.42 -11.25
C ASP B 212 -10.44 16.92 -11.24
N LEU B 213 -9.93 16.52 -10.08
CA LEU B 213 -8.53 16.02 -9.99
C LEU B 213 -8.32 14.76 -10.85
N THR B 214 -9.34 13.90 -10.88
CA THR B 214 -9.30 12.68 -11.66
C THR B 214 -9.14 12.98 -13.16
N LYS B 215 -9.89 13.94 -13.68
CA LYS B 215 -9.75 14.31 -15.10
C LYS B 215 -8.48 15.11 -15.32
N ALA B 216 -8.15 15.97 -14.36
CA ALA B 216 -6.86 16.68 -14.39
C ALA B 216 -5.73 15.69 -14.66
N LEU B 217 -5.61 14.62 -13.85
CA LEU B 217 -4.51 13.65 -14.07
C LEU B 217 -4.60 12.94 -15.38
N LYS B 218 -5.83 12.64 -15.79
CA LYS B 218 -6.03 12.06 -17.12
C LYS B 218 -5.36 12.89 -18.25
N ARG B 219 -5.63 14.20 -18.35
CA ARG B 219 -4.98 14.97 -19.45
C ARG B 219 -3.46 14.76 -19.43
N TYR B 220 -2.84 14.87 -18.25
CA TYR B 220 -1.38 14.71 -18.19
C TYR B 220 -0.87 13.29 -18.34
N PHE B 221 -1.73 12.32 -18.03
CA PHE B 221 -1.39 10.90 -18.01
C PHE B 221 -2.35 10.07 -18.88
N PRO B 222 -2.22 10.14 -20.22
CA PRO B 222 -3.22 9.45 -21.06
C PRO B 222 -3.16 7.94 -20.92
N GLU B 223 -1.97 7.36 -20.67
CA GLU B 223 -1.82 5.90 -20.43
C GLU B 223 -1.76 5.44 -18.95
N GLY B 224 -2.10 6.36 -18.04
CA GLY B 224 -2.06 6.10 -16.61
C GLY B 224 -0.71 6.37 -15.94
N ILE B 225 -0.68 6.29 -14.61
CA ILE B 225 0.47 6.59 -13.76
C ILE B 225 1.16 5.29 -13.31
N ASP B 226 2.50 5.25 -13.35
CA ASP B 226 3.29 4.13 -12.77
C ASP B 226 3.75 4.35 -11.31
N ILE B 227 4.01 5.60 -10.96
CA ILE B 227 4.71 5.95 -9.74
C ILE B 227 4.15 7.22 -9.18
N TYR B 228 3.40 7.13 -8.08
CA TYR B 228 2.98 8.33 -7.39
C TYR B 228 3.93 8.63 -6.19
N PHE B 229 4.61 9.78 -6.19
CA PHE B 229 5.39 10.14 -5.00
C PHE B 229 4.45 10.98 -4.23
N GLU B 230 4.04 10.50 -3.08
CA GLU B 230 2.85 11.02 -2.42
C GLU B 230 3.22 11.88 -1.18
N ASN B 231 2.94 13.19 -1.27
CA ASN B 231 3.20 14.16 -0.20
C ASN B 231 1.91 14.73 0.38
N VAL B 232 0.78 14.34 -0.20
CA VAL B 232 -0.48 15.03 0.02
C VAL B 232 -1.58 14.13 0.58
N GLY B 233 -1.91 13.07 -0.14
CA GLY B 233 -2.99 12.21 0.31
C GLY B 233 -4.37 12.78 0.03
N GLY B 234 -5.38 12.16 0.64
CA GLY B 234 -6.76 12.55 0.49
C GLY B 234 -7.24 12.45 -0.96
N PRO B 235 -8.25 13.27 -1.32
CA PRO B 235 -8.87 13.12 -2.63
C PRO B 235 -7.86 13.12 -3.78
N MET B 236 -6.67 13.68 -3.57
CA MET B 236 -5.61 13.58 -4.57
C MET B 236 -5.28 12.10 -4.83
N LEU B 237 -5.12 11.32 -3.75
CA LEU B 237 -4.86 9.87 -3.79
C LEU B 237 -5.94 9.08 -4.48
N GLU B 238 -7.20 9.38 -4.15
CA GLU B 238 -8.31 8.77 -4.87
C GLU B 238 -8.08 8.93 -6.35
N ALA B 239 -7.74 10.13 -6.75
CA ALA B 239 -7.62 10.49 -8.16
C ALA B 239 -6.41 9.81 -8.75
N VAL B 240 -5.31 9.78 -7.99
CA VAL B 240 -4.18 9.03 -8.47
C VAL B 240 -4.52 7.54 -8.68
N LEU B 241 -5.17 6.91 -7.70
CA LEU B 241 -5.54 5.49 -7.83
C LEU B 241 -6.39 5.27 -9.07
N HIS B 242 -7.42 6.07 -9.27
CA HIS B 242 -8.20 5.93 -10.48
C HIS B 242 -7.36 5.89 -11.71
N ASN B 243 -6.25 6.63 -11.71
CA ASN B 243 -5.41 6.83 -12.91
C ASN B 243 -4.15 5.99 -12.96
N MET B 244 -4.00 5.07 -11.98
CA MET B 244 -2.78 4.26 -11.87
C MET B 244 -2.76 2.99 -12.73
N ARG B 245 -1.58 2.68 -13.29
CA ARG B 245 -1.34 1.52 -14.16
C ARG B 245 -1.14 0.22 -13.38
N ILE B 246 -1.22 -0.91 -14.09
CA ILE B 246 -0.89 -2.23 -13.54
C ILE B 246 0.45 -2.13 -12.80
N LYS B 247 0.53 -2.73 -11.61
CA LYS B 247 1.79 -2.78 -10.85
C LYS B 247 2.36 -1.40 -10.51
N GLY B 248 1.47 -0.42 -10.30
CA GLY B 248 1.87 0.90 -9.83
C GLY B 248 2.42 0.90 -8.39
N ARG B 249 3.28 1.86 -8.14
CA ARG B 249 3.87 2.08 -6.79
C ARG B 249 3.55 3.49 -6.28
N ILE B 250 3.09 3.54 -5.03
CA ILE B 250 2.88 4.79 -4.32
C ILE B 250 3.87 4.82 -3.15
N ALA B 251 4.74 5.82 -3.15
CA ALA B 251 5.62 6.10 -1.99
C ALA B 251 4.93 7.16 -1.13
N ALA B 252 4.50 6.71 0.05
CA ALA B 252 3.74 7.53 0.95
C ALA B 252 4.70 8.19 1.90
N CYS B 253 5.29 9.28 1.43
CA CYS B 253 6.14 10.16 2.18
C CYS B 253 5.36 10.93 3.24
N GLY B 254 4.29 11.56 2.81
CA GLY B 254 3.44 12.32 3.71
C GLY B 254 2.05 12.52 3.14
N MET B 255 1.16 12.92 4.03
CA MET B 255 -0.16 13.28 3.61
C MET B 255 -0.52 14.66 4.17
N ILE B 256 0.20 15.69 3.74
CA ILE B 256 0.01 17.06 4.21
C ILE B 256 -1.41 17.56 4.10
N SER B 257 -2.16 17.09 3.12
CA SER B 257 -3.59 17.35 3.12
C SER B 257 -4.26 17.00 4.47
N GLN B 258 -3.66 16.11 5.26
CA GLN B 258 -4.36 15.58 6.43
C GLN B 258 -3.95 16.18 7.79
N TYR B 259 -2.82 16.90 7.85
CA TYR B 259 -2.30 17.41 9.14
C TYR B 259 -3.15 18.52 9.78
N ASN B 260 -3.50 19.55 9.00
CA ASN B 260 -4.12 20.76 9.57
C ASN B 260 -5.64 20.87 9.36
N GLY B 266 -12.49 10.19 3.71
CA GLY B 266 -11.30 9.43 3.31
C GLY B 266 -11.40 8.78 1.92
N VAL B 267 -10.49 7.83 1.65
CA VAL B 267 -10.34 7.24 0.31
C VAL B 267 -11.27 6.05 0.11
N HIS B 268 -11.93 6.06 -1.03
CA HIS B 268 -13.09 5.20 -1.31
C HIS B 268 -12.79 4.10 -2.30
N ASN B 269 -11.68 4.22 -3.04
CA ASN B 269 -11.41 3.33 -4.16
C ASN B 269 -10.15 2.52 -3.93
N LEU B 270 -9.93 2.14 -2.67
CA LEU B 270 -8.75 1.37 -2.32
C LEU B 270 -8.69 0.00 -2.96
N PHE B 271 -9.88 -0.50 -3.31
CA PHE B 271 -10.00 -1.83 -3.86
C PHE B 271 -9.27 -1.94 -5.19
N LEU B 272 -9.10 -0.81 -5.90
CA LEU B 272 -8.35 -0.73 -7.18
C LEU B 272 -6.91 -1.16 -7.03
N ILE B 273 -6.44 -1.16 -5.80
CA ILE B 273 -5.13 -1.68 -5.47
C ILE B 273 -4.99 -3.19 -5.78
N VAL B 274 -6.11 -3.93 -5.65
CA VAL B 274 -6.03 -5.35 -5.83
C VAL B 274 -5.93 -5.63 -7.30
N GLY B 275 -6.89 -5.13 -8.05
CA GLY B 275 -6.94 -5.48 -9.47
C GLY B 275 -5.91 -4.80 -10.34
N LYS B 276 -5.23 -3.78 -9.82
CA LYS B 276 -4.11 -3.19 -10.53
C LYS B 276 -2.82 -3.59 -9.84
N ARG B 277 -2.91 -4.31 -8.72
CA ARG B 277 -1.69 -4.94 -8.15
C ARG B 277 -0.77 -3.83 -7.71
N ILE B 278 -1.32 -2.81 -7.07
CA ILE B 278 -0.57 -1.66 -6.61
C ILE B 278 0.09 -1.89 -5.25
N ARG B 279 1.33 -1.41 -5.17
CA ARG B 279 2.08 -1.36 -3.92
C ARG B 279 2.04 0.10 -3.36
N LEU B 280 1.35 0.26 -2.22
CA LEU B 280 1.35 1.49 -1.43
C LEU B 280 2.18 1.31 -0.15
N GLU B 281 3.23 2.12 0.00
CA GLU B 281 4.16 1.92 1.12
C GLU B 281 4.66 3.19 1.81
N GLY B 282 4.35 3.32 3.11
CA GLY B 282 4.87 4.44 3.89
C GLY B 282 6.33 4.22 4.24
N PHE B 283 7.08 5.28 4.44
CA PHE B 283 8.48 5.17 4.77
C PHE B 283 8.90 6.38 5.61
N LEU B 284 9.95 6.21 6.38
CA LEU B 284 10.38 7.30 7.26
C LEU B 284 11.90 7.38 7.13
N VAL B 285 12.38 8.57 6.77
CA VAL B 285 13.80 8.77 6.56
C VAL B 285 14.62 8.50 7.82
N PHE B 286 14.00 8.61 9.00
CA PHE B 286 14.61 8.20 10.27
C PHE B 286 15.28 6.80 10.14
N ASP B 287 14.62 5.86 9.42
CA ASP B 287 15.13 4.48 9.40
C ASP B 287 16.27 4.23 8.41
N HIS B 288 16.79 5.27 7.77
CA HIS B 288 17.59 5.09 6.56
C HIS B 288 18.87 5.89 6.55
N TYR B 289 19.33 6.33 7.71
CA TYR B 289 20.55 7.15 7.76
C TYR B 289 21.78 6.45 7.33
N GLY B 290 21.72 5.11 7.29
CA GLY B 290 22.75 4.28 6.69
C GLY B 290 23.07 4.60 5.24
N SER B 291 22.14 5.22 4.49
CA SER B 291 22.32 5.58 3.08
C SER B 291 22.86 6.99 2.88
N TYR B 292 22.91 7.79 3.94
CA TYR B 292 23.42 9.16 3.84
C TYR B 292 24.71 9.38 3.00
N PRO B 293 25.83 8.71 3.40
CA PRO B 293 27.12 9.08 2.87
C PRO B 293 27.15 8.96 1.35
N GLU B 294 26.69 7.84 0.83
CA GLU B 294 26.55 7.66 -0.60
C GLU B 294 25.54 8.68 -1.18
N PHE B 295 24.50 9.01 -0.42
CA PHE B 295 23.54 9.99 -0.91
C PHE B 295 24.25 11.33 -0.99
N GLU B 296 24.95 11.69 0.08
CA GLU B 296 25.76 12.90 0.07
C GLU B 296 26.69 13.08 -1.12
N GLU B 297 27.50 12.06 -1.45
CA GLU B 297 28.42 12.16 -2.60
CA GLU B 297 28.42 12.13 -2.59
C GLU B 297 27.68 12.28 -3.93
N LYS B 298 26.56 11.56 -4.08
CA LYS B 298 25.82 11.67 -5.34
C LYS B 298 25.29 13.13 -5.56
N VAL B 299 24.64 13.69 -4.54
CA VAL B 299 24.06 15.01 -4.65
C VAL B 299 25.12 16.11 -4.65
N VAL B 300 26.15 16.01 -3.82
CA VAL B 300 27.33 16.89 -4.00
C VAL B 300 27.80 16.93 -5.48
N GLN B 301 28.05 15.76 -6.09
CA GLN B 301 28.44 15.72 -7.51
C GLN B 301 27.46 16.47 -8.40
N LEU B 302 26.16 16.17 -8.27
CA LEU B 302 25.16 16.89 -9.05
C LEU B 302 25.30 18.39 -8.94
N ILE B 303 25.45 18.91 -7.73
CA ILE B 303 25.52 20.34 -7.58
C ILE B 303 26.76 20.89 -8.27
N LYS B 304 27.93 20.33 -7.92
CA LYS B 304 29.17 20.73 -8.57
C LYS B 304 28.99 20.67 -10.08
N GLU B 305 28.39 19.59 -10.57
CA GLU B 305 28.16 19.44 -12.00
C GLU B 305 27.03 20.30 -12.57
N GLU B 306 26.24 20.90 -11.69
CA GLU B 306 25.11 21.70 -12.09
C GLU B 306 24.08 20.85 -12.82
N LYS B 307 24.01 19.57 -12.49
CA LYS B 307 22.96 18.70 -13.02
C LYS B 307 21.71 18.61 -12.10
N ILE B 308 21.63 19.48 -11.08
CA ILE B 308 20.43 19.59 -10.22
C ILE B 308 20.23 21.06 -9.82
N LYS B 309 18.97 21.52 -9.82
CA LYS B 309 18.61 22.89 -9.45
C LYS B 309 17.85 22.92 -8.12
N TYR B 310 18.12 23.96 -7.33
CA TYR B 310 17.61 23.99 -5.97
C TYR B 310 17.26 25.40 -5.54
N LEU B 311 16.05 25.53 -5.01
CA LEU B 311 15.53 26.83 -4.62
C LEU B 311 15.25 26.84 -3.13
N GLU B 312 15.81 27.85 -2.47
CA GLU B 312 15.59 28.10 -1.05
C GLU B 312 14.77 29.34 -0.79
N ASP B 313 13.81 29.20 0.08
CA ASP B 313 13.09 30.36 0.61
C ASP B 313 13.79 30.73 1.92
N ILE B 314 14.46 31.87 1.92
CA ILE B 314 15.29 32.25 3.05
C ILE B 314 14.71 33.42 3.85
N VAL B 315 14.61 33.25 5.15
CA VAL B 315 14.17 34.32 6.07
C VAL B 315 15.37 34.67 6.96
N GLU B 316 15.47 35.93 7.40
CA GLU B 316 16.67 36.41 8.13
C GLU B 316 16.37 36.69 9.61
N GLY B 317 17.04 35.96 10.50
CA GLY B 317 16.85 36.22 11.94
C GLY B 317 15.84 35.31 12.62
N LEU B 318 16.19 34.84 13.83
CA LEU B 318 15.32 33.97 14.63
C LEU B 318 13.88 34.47 14.81
N GLU B 319 13.73 35.77 15.09
CA GLU B 319 12.41 36.33 15.43
C GLU B 319 11.44 36.17 14.25
N ASN B 320 12.00 35.91 13.08
CA ASN B 320 11.19 35.68 11.88
C ASN B 320 10.80 34.21 11.69
N ALA B 321 11.34 33.36 12.54
CA ALA B 321 11.14 31.90 12.47
C ALA B 321 9.70 31.43 12.67
N PRO B 322 9.00 31.99 13.66
CA PRO B 322 7.61 31.52 13.85
C PRO B 322 6.66 31.74 12.64
N ALA B 323 6.80 32.86 11.91
CA ALA B 323 5.92 33.16 10.76
C ALA B 323 6.25 32.27 9.57
N ALA B 324 7.56 32.03 9.41
CA ALA B 324 8.09 31.21 8.34
C ALA B 324 7.57 29.81 8.53
N LEU B 325 7.70 29.30 9.75
CA LEU B 325 7.13 27.99 10.02
C LEU B 325 5.64 27.99 9.65
N ILE B 326 4.93 29.04 10.07
CA ILE B 326 3.49 29.11 9.77
C ILE B 326 3.22 29.15 8.27
N GLY B 327 3.94 30.05 7.58
CA GLY B 327 3.78 30.20 6.13
C GLY B 327 3.95 28.86 5.45
N LEU B 328 4.88 28.07 5.96
CA LEU B 328 5.14 26.75 5.44
C LEU B 328 3.86 25.95 5.34
N PHE B 329 3.09 25.97 6.42
CA PHE B 329 1.84 25.20 6.54
C PHE B 329 0.80 25.68 5.57
N GLU B 330 0.96 26.93 5.14
CA GLU B 330 -0.01 27.64 4.30
C GLU B 330 0.43 27.61 2.87
N GLY B 331 1.62 27.06 2.62
CA GLY B 331 2.17 27.00 1.26
C GLY B 331 2.68 28.34 0.79
N ARG B 332 2.94 29.25 1.71
CA ARG B 332 3.56 30.56 1.38
C ARG B 332 5.05 30.44 0.97
N ASN B 333 5.76 29.43 1.45
CA ASN B 333 7.18 29.23 1.07
C ASN B 333 7.31 28.89 -0.40
N VAL B 334 8.14 29.67 -1.09
CA VAL B 334 8.60 29.29 -2.43
C VAL B 334 10.05 28.75 -2.36
N GLY B 335 10.17 27.42 -2.45
CA GLY B 335 11.42 26.73 -2.19
C GLY B 335 11.50 26.30 -0.73
N LYS B 336 12.53 25.53 -0.40
CA LYS B 336 12.71 24.99 0.94
C LYS B 336 12.82 26.13 1.99
N GLN B 337 11.96 26.15 3.00
CA GLN B 337 11.98 27.22 3.99
C GLN B 337 13.14 27.13 4.99
N VAL B 338 13.96 28.19 5.01
CA VAL B 338 15.17 28.24 5.81
C VAL B 338 15.12 29.49 6.59
N VAL B 339 15.64 29.45 7.81
CA VAL B 339 15.81 30.64 8.65
C VAL B 339 17.27 30.76 8.95
N VAL B 340 17.79 31.97 8.82
CA VAL B 340 19.18 32.20 9.05
C VAL B 340 19.32 32.74 10.48
N VAL B 341 19.82 31.93 11.44
CA VAL B 341 19.94 32.35 12.86
C VAL B 341 21.11 33.30 12.96
N SER B 342 22.19 32.92 12.29
CA SER B 342 23.42 33.69 12.28
C SER B 342 24.29 33.15 11.18
N ARG B 343 24.69 34.04 10.28
CA ARG B 343 25.51 33.68 9.16
C ARG B 343 26.92 33.57 9.70
N GLU B 344 27.69 32.59 9.24
CA GLU B 344 29.11 32.51 9.60
C GLU B 344 29.86 33.56 8.77
N LYS B 345 30.98 34.06 9.28
CA LYS B 345 31.71 35.17 8.66
C LYS B 345 32.58 34.75 7.44
N GLY B 346 32.64 35.66 6.43
CA GLY B 346 33.35 35.43 5.14
C GLY B 346 32.62 34.58 4.11
N HIS B 347 32.84 34.84 2.83
CA HIS B 347 32.30 33.99 1.75
C HIS B 347 33.30 33.83 0.62
N HIS B 348 28.47 33.13 -0.74
CA HIS B 348 27.95 33.42 -2.08
C HIS B 348 27.24 34.75 -2.06
N HIS B 349 26.68 35.12 -3.20
CA HIS B 349 25.98 36.37 -3.38
C HIS B 349 24.53 36.01 -3.51
N HIS B 350 23.64 36.94 -3.25
CA HIS B 350 22.25 36.64 -3.52
C HIS B 350 21.49 37.83 -4.00
N HIS B 351 20.34 37.60 -4.62
CA HIS B 351 19.42 38.67 -5.02
C HIS B 351 18.32 38.82 -4.02
#